data_3SYS
#
_entry.id   3SYS
#
_cell.length_a   82.142
_cell.length_b   96.840
_cell.length_c   121.557
_cell.angle_alpha   90.00
_cell.angle_beta   90.00
_cell.angle_gamma   90.00
#
_symmetry.space_group_name_H-M   'P 21 21 21'
#
loop_
_entity.id
_entity.type
_entity.pdbx_description
1 polymer 'Vanillate porin OpdK'
2 non-polymer 1,2-ETHANEDIOL
3 non-polymer (HYDROXYETHYLOXY)TRI(ETHYLOXY)OCTANE
4 non-polymer 4-HYDROXY-3-METHOXYBENZOATE
5 water water
#
_entity_poly.entity_id   1
_entity_poly.type   'polypeptide(L)'
_entity_poly.pdbx_seq_one_letter_code
;AEGGFLEDAKTDLVLRNYYFNRDFRDHDAGKSLVDEWAQGFILKFSSGYTPGTVGVGLDAIGLFGVKLNSGRGTSNSELL
PLHDDGRAADNYGRVGVAAKLRVSASELKIGEMLPDIPLLRYDDGRLLPQTFRGFAVVSRELPGLALQAGRFDAVSLRNS
ADMQDLSAWSAPTQKSDGFNYAGAEYRFNRERTQLGLWHGQLEDVYRQSYANLLHKQRVGDWTLGANLGLFVDRDDGAAR
AGEIDSHTVYGLFSAGIGLHTFYLGLQKVGGDSGWQSVYGSSGRSMGNDMFNGNFTNADERSWQVRYDYDFVGLGWPGLI
GMVRYGHGSNATTKAGSGGKEWERDVELGYTVQSGPLARLNVRLNHASNRRSFNSDFDQTRLVVSYPLSWGGHHHHHH
;
_entity_poly.pdbx_strand_id   A,B
#
loop_
_chem_comp.id
_chem_comp.type
_chem_comp.name
_chem_comp.formula
C8E non-polymer (HYDROXYETHYLOXY)TRI(ETHYLOXY)OCTANE 'C16 H34 O5'
EDO non-polymer 1,2-ETHANEDIOL 'C2 H6 O2'
VNL non-polymer 4-HYDROXY-3-METHOXYBENZOATE 'C8 H7 O4 -1'
#
# COMPACT_ATOMS: atom_id res chain seq x y z
N GLY A 4 5.13 49.33 13.37
CA GLY A 4 4.86 48.90 14.73
C GLY A 4 4.13 47.56 14.81
N PHE A 5 4.37 46.85 15.91
CA PHE A 5 3.77 45.54 16.13
C PHE A 5 2.26 45.55 15.94
N LEU A 6 1.59 46.50 16.58
CA LEU A 6 0.14 46.60 16.45
C LEU A 6 -0.28 47.45 15.27
N GLU A 7 0.48 48.51 15.01
CA GLU A 7 0.14 49.44 13.93
C GLU A 7 -0.05 48.73 12.60
N ASP A 8 0.93 47.91 12.22
CA ASP A 8 0.93 47.25 10.92
C ASP A 8 0.40 45.82 10.96
N ALA A 9 -0.30 45.48 12.05
CA ALA A 9 -0.87 44.14 12.18
C ALA A 9 -2.06 43.97 11.26
N LYS A 10 -2.13 42.83 10.59
CA LYS A 10 -3.27 42.53 9.74
C LYS A 10 -3.89 41.19 10.11
N THR A 11 -5.21 41.12 10.01
CA THR A 11 -5.91 39.88 10.29
C THR A 11 -6.71 39.48 9.06
N ASP A 12 -6.53 38.24 8.62
CA ASP A 12 -7.25 37.73 7.46
C ASP A 12 -7.98 36.45 7.83
N LEU A 13 -9.27 36.41 7.52
CA LEU A 13 -10.08 35.22 7.73
C LEU A 13 -10.66 34.76 6.41
N VAL A 14 -10.44 33.50 6.07
CA VAL A 14 -11.05 32.92 4.88
C VAL A 14 -12.04 31.84 5.28
N LEU A 15 -13.26 31.98 4.77
CA LEU A 15 -14.30 30.96 4.91
C LEU A 15 -14.27 30.16 3.63
N ARG A 16 -14.13 28.85 3.76
CA ARG A 16 -14.00 27.98 2.58
C ARG A 16 -14.99 26.83 2.63
N ASN A 17 -16.03 26.89 1.78
CA ASN A 17 -16.99 25.80 1.67
C ASN A 17 -16.60 24.92 0.49
N TYR A 18 -16.42 23.63 0.75
CA TYR A 18 -15.76 22.78 -0.23
C TYR A 18 -16.57 21.52 -0.49
N TYR A 19 -17.03 21.37 -1.73
CA TYR A 19 -17.69 20.14 -2.14
C TYR A 19 -16.79 19.33 -3.07
N PHE A 20 -16.67 18.04 -2.79
CA PHE A 20 -15.72 17.18 -3.48
C PHE A 20 -16.41 15.89 -3.88
N ASN A 21 -16.30 15.53 -5.16
CA ASN A 21 -16.83 14.28 -5.63
C ASN A 21 -15.84 13.57 -6.54
N ARG A 22 -15.74 12.25 -6.38
CA ARG A 22 -14.86 11.46 -7.23
C ARG A 22 -15.64 10.24 -7.67
N ASP A 23 -15.78 10.09 -8.98
CA ASP A 23 -16.55 8.98 -9.56
C ASP A 23 -15.59 8.01 -10.25
N PHE A 24 -15.50 6.79 -9.73
CA PHE A 24 -14.59 5.81 -10.29
C PHE A 24 -15.27 4.97 -11.36
N LEU A 33 -19.96 6.18 -6.94
CA LEU A 33 -19.70 7.60 -6.71
C LEU A 33 -19.53 7.91 -5.21
N VAL A 34 -18.41 8.53 -4.88
CA VAL A 34 -18.11 8.90 -3.50
C VAL A 34 -17.96 10.42 -3.36
N ASP A 35 -18.27 10.93 -2.16
CA ASP A 35 -18.64 12.32 -2.01
C ASP A 35 -18.21 12.86 -0.63
N GLU A 36 -17.90 14.15 -0.58
CA GLU A 36 -17.57 14.81 0.70
C GLU A 36 -17.91 16.29 0.63
N TRP A 37 -18.38 16.83 1.75
CA TRP A 37 -18.74 18.24 1.83
C TRP A 37 -18.25 18.75 3.18
N ALA A 38 -17.60 19.91 3.20
CA ALA A 38 -17.05 20.43 4.45
C ALA A 38 -16.93 21.94 4.44
N GLN A 39 -16.84 22.51 5.64
CA GLN A 39 -16.68 23.95 5.80
C GLN A 39 -15.39 24.24 6.56
N GLY A 40 -14.54 25.09 5.98
CA GLY A 40 -13.28 25.45 6.59
C GLY A 40 -13.19 26.90 7.00
N PHE A 41 -12.36 27.16 8.00
CA PHE A 41 -12.06 28.50 8.48
C PHE A 41 -10.55 28.59 8.60
N ILE A 42 -9.96 29.58 7.95
CA ILE A 42 -8.51 29.77 7.99
C ILE A 42 -8.24 31.18 8.45
N LEU A 43 -7.68 31.31 9.66
CA LEU A 43 -7.48 32.60 10.28
C LEU A 43 -6.00 32.89 10.36
N LYS A 44 -5.58 34.00 9.74
CA LYS A 44 -4.18 34.38 9.77
C LYS A 44 -4.00 35.73 10.47
N PHE A 45 -3.19 35.74 11.53
CA PHE A 45 -2.87 36.97 12.25
C PHE A 45 -1.40 37.27 12.02
N SER A 46 -1.10 38.39 11.38
CA SER A 46 0.28 38.75 11.09
C SER A 46 0.60 40.12 11.66
N SER A 47 1.50 40.16 12.63
CA SER A 47 1.82 41.42 13.30
C SER A 47 2.71 42.28 12.42
N GLY A 48 2.89 43.53 12.83
CA GLY A 48 3.95 44.35 12.26
C GLY A 48 5.24 44.01 12.97
N TYR A 49 6.28 44.80 12.75
CA TYR A 49 7.56 44.60 13.42
C TYR A 49 7.80 45.73 14.40
N THR A 50 8.36 45.42 15.56
CA THR A 50 8.77 46.47 16.48
C THR A 50 9.86 47.29 15.80
N PRO A 51 9.89 48.60 16.07
CA PRO A 51 10.92 49.44 15.43
C PRO A 51 12.30 49.20 16.02
N GLY A 52 13.33 49.43 15.22
CA GLY A 52 14.69 49.26 15.69
C GLY A 52 15.54 48.43 14.77
N THR A 53 16.79 48.21 15.18
CA THR A 53 17.73 47.47 14.38
C THR A 53 17.26 46.04 14.14
N VAL A 54 16.80 45.40 15.22
CA VAL A 54 16.16 44.10 15.09
C VAL A 54 14.68 44.32 15.36
N GLY A 55 13.87 44.07 14.33
CA GLY A 55 12.42 44.16 14.47
C GLY A 55 11.90 42.81 14.87
N VAL A 56 10.93 42.78 15.77
CA VAL A 56 10.37 41.51 16.22
C VAL A 56 8.88 41.46 15.98
N GLY A 57 8.40 40.31 15.50
CA GLY A 57 6.99 40.16 15.20
C GLY A 57 6.49 38.76 15.52
N LEU A 58 5.21 38.56 15.31
CA LEU A 58 4.60 37.26 15.58
C LEU A 58 3.50 37.03 14.56
N ASP A 59 3.50 35.84 13.96
CA ASP A 59 2.40 35.41 13.08
C ASP A 59 1.69 34.24 13.75
N ALA A 60 0.38 34.15 13.55
CA ALA A 60 -0.33 32.99 14.05
C ALA A 60 -1.31 32.53 12.99
N ILE A 61 -1.61 31.24 12.99
CA ILE A 61 -2.59 30.70 12.06
C ILE A 61 -3.52 29.76 12.80
N GLY A 62 -4.81 29.94 12.56
CA GLY A 62 -5.81 29.08 13.14
C GLY A 62 -6.59 28.39 12.05
N LEU A 63 -6.70 27.07 12.17
CA LEU A 63 -7.34 26.24 11.16
C LEU A 63 -8.44 25.44 11.81
N PHE A 64 -9.62 25.46 11.22
CA PHE A 64 -10.73 24.65 11.72
C PHE A 64 -11.62 24.18 10.58
N GLY A 65 -11.92 22.89 10.56
CA GLY A 65 -12.77 22.33 9.53
C GLY A 65 -13.91 21.54 10.11
N VAL A 66 -15.09 21.65 9.48
CA VAL A 66 -16.29 20.97 9.95
C VAL A 66 -16.89 20.10 8.84
N LYS A 67 -17.14 18.84 9.14
CA LYS A 67 -17.81 17.93 8.21
C LYS A 67 -19.28 18.25 8.01
N LEU A 68 -19.71 18.26 6.75
CA LEU A 68 -21.12 18.42 6.41
C LEU A 68 -21.67 17.13 5.80
N ASN A 69 -22.98 16.97 5.85
CA ASN A 69 -23.61 15.74 5.35
C ASN A 69 -23.23 15.39 3.90
N SER A 70 -23.05 14.10 3.64
CA SER A 70 -22.78 13.64 2.28
C SER A 70 -23.30 12.21 2.10
N ASN A 76 -8.23 10.53 -1.08
CA ASN A 76 -9.25 11.59 -1.04
C ASN A 76 -10.56 11.11 -0.43
N SER A 77 -11.47 12.03 -0.11
CA SER A 77 -11.39 13.45 -0.44
C SER A 77 -10.24 14.20 0.23
N GLU A 78 -9.78 13.69 1.37
CA GLU A 78 -8.77 14.37 2.17
C GLU A 78 -9.23 15.75 2.62
N LEU A 79 -10.55 15.95 2.72
CA LEU A 79 -11.06 17.18 3.34
C LEU A 79 -10.99 17.08 4.85
N LEU A 80 -11.07 15.85 5.37
CA LEU A 80 -11.16 15.60 6.80
C LEU A 80 -10.34 14.37 7.14
N PRO A 81 -9.76 14.34 8.34
CA PRO A 81 -9.05 13.13 8.77
C PRO A 81 -10.01 11.96 8.95
N LEU A 82 -9.52 10.75 8.82
CA LEU A 82 -10.34 9.56 9.00
C LEU A 82 -10.06 8.91 10.35
N HIS A 83 -11.11 8.38 10.97
CA HIS A 83 -10.93 7.54 12.15
C HIS A 83 -10.39 6.19 11.70
N ASP A 84 -9.99 5.36 12.64
CA ASP A 84 -9.40 4.06 12.30
C ASP A 84 -10.39 3.14 11.58
N ASP A 85 -11.68 3.37 11.78
CA ASP A 85 -12.70 2.55 11.16
C ASP A 85 -12.91 2.93 9.70
N GLY A 86 -12.38 4.09 9.31
CA GLY A 86 -12.51 4.59 7.96
C GLY A 86 -13.57 5.67 7.86
N ARG A 87 -14.01 6.16 9.01
CA ARG A 87 -15.05 7.18 9.07
C ARG A 87 -14.45 8.57 9.25
N ALA A 88 -14.89 9.52 8.42
CA ALA A 88 -14.39 10.88 8.49
C ALA A 88 -14.75 11.53 9.83
N ALA A 89 -13.82 12.31 10.37
CA ALA A 89 -14.03 13.01 11.63
C ALA A 89 -15.09 14.10 11.47
N ASP A 90 -15.77 14.43 12.58
CA ASP A 90 -16.81 15.46 12.54
C ASP A 90 -16.19 16.84 12.36
N ASN A 91 -14.99 17.01 12.91
CA ASN A 91 -14.26 18.27 12.81
C ASN A 91 -12.80 18.09 13.16
N TYR A 92 -11.98 19.08 12.83
CA TYR A 92 -10.57 19.02 13.17
C TYR A 92 -9.98 20.42 13.04
N GLY A 93 -8.85 20.65 13.70
CA GLY A 93 -8.21 21.95 13.62
C GLY A 93 -6.97 22.05 14.46
N ARG A 94 -6.27 23.17 14.32
CA ARG A 94 -5.05 23.40 15.08
C ARG A 94 -4.71 24.88 15.03
N VAL A 95 -3.82 25.28 15.91
CA VAL A 95 -3.31 26.65 15.95
C VAL A 95 -1.79 26.60 15.94
N GLY A 96 -1.20 27.45 15.10
CA GLY A 96 0.25 27.51 14.97
C GLY A 96 0.73 28.94 15.13
N VAL A 97 1.93 29.11 15.67
CA VAL A 97 2.50 30.43 15.84
C VAL A 97 3.94 30.43 15.34
N ALA A 98 4.39 31.56 14.79
CA ALA A 98 5.79 31.72 14.39
C ALA A 98 6.29 33.07 14.87
N ALA A 99 7.49 33.09 15.44
CA ALA A 99 8.12 34.36 15.75
C ALA A 99 8.86 34.84 14.50
N LYS A 100 8.93 36.15 14.32
CA LYS A 100 9.71 36.68 13.21
C LYS A 100 10.68 37.75 13.68
N LEU A 101 11.84 37.76 13.04
CA LEU A 101 12.88 38.72 13.39
C LEU A 101 13.44 39.26 12.10
N ARG A 102 13.54 40.59 12.01
CA ARG A 102 14.03 41.22 10.80
C ARG A 102 15.21 42.14 11.09
N VAL A 103 16.21 42.08 10.23
CA VAL A 103 17.34 42.98 10.31
C VAL A 103 17.72 43.39 8.90
N SER A 104 17.79 44.68 8.66
CA SER A 104 18.10 45.20 7.33
C SER A 104 17.11 44.61 6.33
N ALA A 105 17.60 43.85 5.36
CA ALA A 105 16.74 43.23 4.37
C ALA A 105 16.71 41.70 4.52
N SER A 106 16.85 41.23 5.75
CA SER A 106 16.89 39.81 6.03
C SER A 106 15.89 39.47 7.13
N GLU A 107 15.25 38.32 7.02
CA GLU A 107 14.23 37.92 7.98
C GLU A 107 14.41 36.46 8.39
N LEU A 108 14.17 36.20 9.66
CA LEU A 108 14.18 34.83 10.18
C LEU A 108 12.83 34.56 10.81
N LYS A 109 12.22 33.45 10.44
CA LYS A 109 10.97 33.02 11.06
C LYS A 109 11.17 31.67 11.76
N ILE A 110 10.61 31.52 12.94
CA ILE A 110 10.77 30.30 13.71
C ILE A 110 9.43 29.86 14.27
N GLY A 111 9.02 28.64 13.94
CA GLY A 111 7.76 28.13 14.43
C GLY A 111 6.97 27.46 13.32
N GLU A 112 5.67 27.70 13.27
CA GLU A 112 4.82 27.04 12.29
C GLU A 112 4.55 28.00 11.14
N MET A 113 4.74 27.51 9.91
CA MET A 113 4.61 28.36 8.74
C MET A 113 4.23 27.56 7.49
N LEU A 114 4.11 28.27 6.37
CA LEU A 114 3.62 27.71 5.11
C LEU A 114 4.72 27.90 4.06
N PRO A 115 5.72 27.03 4.06
CA PRO A 115 6.81 27.22 3.09
C PRO A 115 6.33 27.10 1.66
N ASP A 116 6.79 28.01 0.81
CA ASP A 116 6.41 28.00 -0.59
C ASP A 116 7.67 28.23 -1.41
N ILE A 117 8.50 27.19 -1.45
CA ILE A 117 9.77 27.24 -2.21
C ILE A 117 9.78 26.11 -3.24
N PRO A 118 10.68 26.19 -4.24
CA PRO A 118 10.67 25.18 -5.32
C PRO A 118 10.79 23.73 -4.85
N LEU A 119 11.53 23.49 -3.78
CA LEU A 119 11.73 22.14 -3.27
C LEU A 119 10.70 21.71 -2.23
N LEU A 120 9.81 22.63 -1.85
CA LEU A 120 8.83 22.37 -0.80
C LEU A 120 7.68 23.34 -0.93
N ARG A 121 6.63 22.88 -1.60
CA ARG A 121 5.46 23.69 -1.86
C ARG A 121 4.36 23.22 -0.93
N TYR A 122 4.01 24.03 0.07
CA TYR A 122 2.93 23.61 0.96
C TYR A 122 1.64 23.38 0.15
N ASP A 123 0.92 22.33 0.54
CA ASP A 123 -0.29 21.99 -0.19
C ASP A 123 -1.49 22.73 0.38
N ASP A 124 -2.28 23.31 -0.49
CA ASP A 124 -3.54 23.90 -0.06
C ASP A 124 -4.63 23.57 -1.06
N GLY A 125 -4.66 22.31 -1.48
CA GLY A 125 -5.62 21.86 -2.48
C GLY A 125 -6.90 21.28 -1.91
N ARG A 126 -7.02 21.28 -0.60
CA ARG A 126 -8.25 20.79 0.04
C ARG A 126 -8.81 21.81 1.02
N LEU A 127 -9.19 21.39 2.23
CA LEU A 127 -9.98 22.26 3.08
C LEU A 127 -9.14 23.25 3.87
N LEU A 128 -8.05 22.75 4.43
CA LEU A 128 -7.13 23.54 5.25
C LEU A 128 -5.70 23.27 4.77
N PRO A 129 -4.83 24.29 4.87
CA PRO A 129 -3.48 24.11 4.31
C PRO A 129 -2.60 23.19 5.14
N GLN A 130 -1.68 22.52 4.45
CA GLN A 130 -0.57 21.83 5.10
C GLN A 130 0.35 22.89 5.71
N THR A 131 0.82 22.63 6.93
CA THR A 131 1.77 23.53 7.58
C THR A 131 3.00 22.75 8.06
N PHE A 132 4.07 23.50 8.32
CA PHE A 132 5.33 22.89 8.74
C PHE A 132 5.88 23.61 9.96
N ARG A 133 6.67 22.89 10.74
CA ARG A 133 7.35 23.46 11.90
C ARG A 133 8.85 23.49 11.62
N GLY A 134 9.47 24.64 11.86
CA GLY A 134 10.92 24.74 11.72
C GLY A 134 11.40 26.17 11.75
N PHE A 135 12.35 26.50 10.90
CA PHE A 135 12.77 27.88 10.73
C PHE A 135 13.13 28.16 9.28
N ALA A 136 13.03 29.43 8.90
CA ALA A 136 13.28 29.83 7.51
C ALA A 136 13.90 31.22 7.50
N VAL A 137 14.93 31.39 6.69
CA VAL A 137 15.59 32.68 6.51
C VAL A 137 15.44 33.12 5.07
N VAL A 138 15.12 34.40 4.89
CA VAL A 138 15.14 35.03 3.57
C VAL A 138 16.01 36.28 3.68
N SER A 139 16.94 36.45 2.76
CA SER A 139 17.91 37.54 2.82
C SER A 139 18.05 38.22 1.46
N ARG A 140 17.81 39.52 1.43
CA ARG A 140 17.88 40.29 0.19
C ARG A 140 18.78 41.50 0.35
N GLU A 141 20.01 41.26 0.78
CA GLU A 141 20.94 42.37 1.06
C GLU A 141 21.56 42.94 -0.22
N LEU A 142 21.67 42.11 -1.25
CA LEU A 142 22.23 42.54 -2.53
C LEU A 142 21.13 42.64 -3.57
N PRO A 143 21.14 43.73 -4.37
CA PRO A 143 20.07 44.01 -5.33
C PRO A 143 19.82 42.87 -6.31
N GLY A 144 18.56 42.47 -6.45
CA GLY A 144 18.18 41.42 -7.39
C GLY A 144 18.29 39.99 -6.88
N LEU A 145 18.97 39.82 -5.75
CA LEU A 145 19.32 38.50 -5.24
C LEU A 145 18.56 38.17 -3.97
N ALA A 146 17.86 37.05 -3.96
CA ALA A 146 17.20 36.60 -2.74
C ALA A 146 17.81 35.27 -2.34
N LEU A 147 18.40 35.23 -1.15
CA LEU A 147 18.97 34.00 -0.61
C LEU A 147 18.02 33.42 0.43
N GLN A 148 17.89 32.11 0.44
CA GLN A 148 17.02 31.45 1.40
C GLN A 148 17.67 30.21 1.97
N ALA A 149 17.34 29.88 3.22
CA ALA A 149 17.76 28.62 3.80
C ALA A 149 16.86 28.31 4.97
N GLY A 150 16.76 27.04 5.35
CA GLY A 150 15.90 26.72 6.46
C GLY A 150 15.87 25.23 6.73
N ARG A 151 15.08 24.85 7.71
CA ARG A 151 14.92 23.45 8.08
C ARG A 151 13.54 23.26 8.63
N PHE A 152 12.86 22.19 8.21
CA PHE A 152 11.57 21.86 8.79
C PHE A 152 11.64 20.49 9.40
N ASP A 153 11.24 20.38 10.66
CA ASP A 153 11.37 19.10 11.36
C ASP A 153 10.05 18.41 11.67
N ALA A 154 8.93 19.05 11.33
CA ALA A 154 7.64 18.41 11.48
C ALA A 154 6.67 18.99 10.45
N VAL A 155 5.65 18.22 10.11
CA VAL A 155 4.67 18.64 9.13
C VAL A 155 3.28 18.25 9.62
N SER A 156 2.29 19.08 9.30
CA SER A 156 0.89 18.71 9.53
C SER A 156 0.21 18.64 8.18
N LEU A 157 -0.19 17.45 7.78
CA LEU A 157 -0.81 17.26 6.46
C LEU A 157 -2.09 18.08 6.34
N ARG A 158 -2.49 18.34 5.11
CA ARG A 158 -3.69 19.16 4.88
C ARG A 158 -4.92 18.55 5.55
N ASN A 159 -4.98 17.22 5.58
CA ASN A 159 -6.11 16.51 6.17
C ASN A 159 -5.83 15.97 7.59
N SER A 160 -4.95 16.64 8.32
CA SER A 160 -4.64 16.25 9.70
C SER A 160 -4.59 17.45 10.63
N ALA A 161 -4.97 17.24 11.89
CA ALA A 161 -4.82 18.27 12.90
C ALA A 161 -3.47 18.18 13.61
N ASP A 162 -2.73 17.12 13.34
CA ASP A 162 -1.53 16.82 14.11
C ASP A 162 -0.23 17.04 13.34
N MET A 163 0.87 17.13 14.08
CA MET A 163 2.22 17.23 13.51
C MET A 163 2.87 15.85 13.52
N GLN A 164 3.66 15.56 12.48
CA GLN A 164 4.37 14.30 12.38
C GLN A 164 5.72 14.53 11.70
N ASP A 165 6.61 13.54 11.77
CA ASP A 165 7.88 13.60 11.05
C ASP A 165 7.59 13.65 9.56
N LEU A 166 8.47 14.31 8.82
CA LEU A 166 8.39 14.36 7.37
C LEU A 166 8.78 13.02 6.75
N SER A 167 8.31 12.79 5.54
CA SER A 167 8.69 11.62 4.75
C SER A 167 8.56 12.00 3.28
N ALA A 168 8.94 11.10 2.37
CA ALA A 168 8.85 11.38 0.93
C ALA A 168 7.61 10.75 0.34
N TRP A 169 7.06 11.37 -0.72
CA TRP A 169 5.90 10.78 -1.39
C TRP A 169 6.19 9.35 -1.85
N SER A 170 7.44 9.06 -2.21
CA SER A 170 7.79 7.73 -2.73
C SER A 170 7.81 6.62 -1.67
N ALA A 171 7.78 7.00 -0.40
CA ALA A 171 7.72 6.05 0.70
C ALA A 171 7.18 6.74 1.95
N PRO A 172 5.88 7.05 1.95
CA PRO A 172 5.30 7.91 2.99
C PRO A 172 5.48 7.42 4.43
N THR A 173 5.70 6.13 4.66
CA THR A 173 5.83 5.63 6.03
C THR A 173 7.25 5.71 6.59
N GLN A 174 8.22 6.01 5.73
CA GLN A 174 9.62 6.05 6.13
C GLN A 174 10.03 7.45 6.57
N LYS A 175 10.08 7.65 7.89
CA LYS A 175 10.21 8.98 8.45
C LYS A 175 11.65 9.51 8.44
N SER A 176 11.76 10.83 8.41
CA SER A 176 13.03 11.54 8.39
C SER A 176 13.10 12.50 9.57
N ASP A 177 14.30 12.81 10.05
CA ASP A 177 14.45 13.79 11.12
C ASP A 177 14.14 15.22 10.68
N GLY A 178 14.20 15.47 9.38
CA GLY A 178 13.84 16.79 8.88
C GLY A 178 14.34 17.10 7.47
N PHE A 179 13.88 18.22 6.95
CA PHE A 179 14.22 18.67 5.60
C PHE A 179 14.99 19.97 5.71
N ASN A 180 16.22 19.97 5.18
CA ASN A 180 17.09 21.16 5.14
C ASN A 180 17.16 21.69 3.72
N TYR A 181 17.26 23.01 3.56
CA TYR A 181 17.38 23.56 2.21
C TYR A 181 18.15 24.86 2.19
N ALA A 182 18.67 25.19 1.01
CA ALA A 182 19.27 26.49 0.74
C ALA A 182 19.09 26.77 -0.74
N GLY A 183 18.91 28.04 -1.08
CA GLY A 183 18.71 28.38 -2.46
C GLY A 183 18.94 29.85 -2.73
N ALA A 184 19.06 30.17 -4.00
CA ALA A 184 19.26 31.55 -4.43
C ALA A 184 18.43 31.81 -5.68
N GLU A 185 17.83 32.98 -5.75
CA GLU A 185 17.16 33.44 -6.97
C GLU A 185 17.70 34.80 -7.36
N TYR A 186 18.06 34.96 -8.62
CA TYR A 186 18.52 36.24 -9.10
C TYR A 186 17.61 36.72 -10.22
N ARG A 187 16.99 37.87 -10.01
CA ARG A 187 16.12 38.45 -11.02
C ARG A 187 16.82 39.65 -11.66
N PHE A 188 16.81 39.68 -12.98
CA PHE A 188 17.53 40.70 -13.73
C PHE A 188 16.85 40.97 -15.07
N ASN A 189 17.56 41.68 -15.95
CA ASN A 189 17.03 41.97 -17.28
C ASN A 189 15.71 42.72 -17.19
N ARG A 190 15.73 43.88 -16.53
CA ARG A 190 14.52 44.67 -16.33
C ARG A 190 13.37 43.83 -15.78
N GLU A 191 13.71 42.93 -14.87
CA GLU A 191 12.75 42.07 -14.17
C GLU A 191 12.14 40.97 -15.04
N ARG A 192 12.67 40.79 -16.23
CA ARG A 192 12.10 39.84 -17.19
C ARG A 192 12.63 38.42 -17.02
N THR A 193 13.77 38.27 -16.37
CA THR A 193 14.46 36.98 -16.33
C THR A 193 14.85 36.65 -14.91
N GLN A 194 14.77 35.38 -14.55
CA GLN A 194 15.19 34.98 -13.22
C GLN A 194 15.86 33.62 -13.29
N LEU A 195 16.98 33.48 -12.57
CA LEU A 195 17.65 32.19 -12.45
C LEU A 195 17.56 31.76 -11.00
N GLY A 196 17.37 30.47 -10.78
CA GLY A 196 17.28 29.93 -9.44
C GLY A 196 18.10 28.66 -9.33
N LEU A 197 18.79 28.51 -8.19
CA LEU A 197 19.53 27.30 -7.87
C LEU A 197 19.19 26.92 -6.43
N TRP A 198 18.78 25.67 -6.23
CA TRP A 198 18.26 25.25 -4.94
C TRP A 198 18.78 23.86 -4.58
N HIS A 199 18.99 23.63 -3.29
CA HIS A 199 19.46 22.32 -2.84
C HIS A 199 18.68 21.94 -1.60
N GLY A 200 18.16 20.73 -1.57
CA GLY A 200 17.39 20.27 -0.44
C GLY A 200 17.82 18.89 0.03
N GLN A 201 17.56 18.60 1.30
CA GLN A 201 17.89 17.29 1.84
C GLN A 201 16.81 16.87 2.81
N LEU A 202 16.10 15.78 2.47
CA LEU A 202 15.21 15.15 3.43
C LEU A 202 16.09 14.08 4.09
N GLU A 203 16.53 14.36 5.32
CA GLU A 203 17.62 13.62 5.95
C GLU A 203 17.32 12.12 5.95
N ASP A 204 18.29 11.35 5.48
CA ASP A 204 18.21 9.88 5.44
C ASP A 204 17.18 9.35 4.44
N VAL A 205 16.68 10.21 3.56
CA VAL A 205 15.78 9.76 2.51
C VAL A 205 16.29 10.18 1.13
N TYR A 206 16.32 11.49 0.86
CA TYR A 206 16.79 11.94 -0.44
C TYR A 206 17.45 13.31 -0.39
N ARG A 207 18.30 13.59 -1.37
CA ARG A 207 18.80 14.94 -1.62
C ARG A 207 18.37 15.34 -3.02
N GLN A 208 18.10 16.63 -3.21
CA GLN A 208 17.59 17.10 -4.49
C GLN A 208 18.24 18.43 -4.85
N SER A 209 18.75 18.55 -6.07
CA SER A 209 19.24 19.83 -6.57
C SER A 209 18.34 20.30 -7.72
N TYR A 210 18.19 21.61 -7.87
CA TYR A 210 17.23 22.15 -8.83
C TYR A 210 17.77 23.42 -9.46
N ALA A 211 17.62 23.54 -10.76
CA ALA A 211 17.95 24.79 -11.44
C ALA A 211 16.74 25.24 -12.22
N ASN A 212 16.53 26.54 -12.29
CA ASN A 212 15.31 27.08 -12.89
C ASN A 212 15.67 28.33 -13.67
N LEU A 213 15.11 28.45 -14.87
CA LEU A 213 15.17 29.70 -15.61
C LEU A 213 13.74 30.14 -15.90
N LEU A 214 13.41 31.37 -15.51
CA LEU A 214 12.13 31.98 -15.86
C LEU A 214 12.44 33.13 -16.80
N HIS A 215 11.69 33.24 -17.89
CA HIS A 215 11.92 34.34 -18.80
C HIS A 215 10.63 34.77 -19.48
N LYS A 216 10.46 36.07 -19.63
CA LYS A 216 9.30 36.59 -20.34
C LYS A 216 9.76 37.64 -21.35
N GLN A 217 9.19 37.63 -22.55
CA GLN A 217 9.52 38.65 -23.53
C GLN A 217 8.28 39.09 -24.31
N ARG A 218 8.15 40.40 -24.50
CA ARG A 218 7.04 40.98 -25.24
C ARG A 218 7.40 41.17 -26.70
N VAL A 219 6.70 40.47 -27.58
CA VAL A 219 6.87 40.63 -29.02
C VAL A 219 5.58 41.19 -29.60
N GLY A 220 5.52 42.50 -29.76
CA GLY A 220 4.31 43.15 -30.23
C GLY A 220 3.19 43.06 -29.21
N ASP A 221 2.07 42.45 -29.60
CA ASP A 221 0.95 42.27 -28.69
C ASP A 221 1.09 40.98 -27.89
N TRP A 222 2.10 40.17 -28.22
CA TRP A 222 2.28 38.87 -27.58
C TRP A 222 3.20 38.95 -26.38
N THR A 223 2.88 38.17 -25.36
CA THR A 223 3.80 37.97 -24.24
C THR A 223 4.20 36.51 -24.27
N LEU A 224 5.50 36.25 -24.44
CA LEU A 224 6.01 34.89 -24.56
C LEU A 224 6.77 34.58 -23.29
N GLY A 225 6.44 33.47 -22.66
CA GLY A 225 7.10 33.09 -21.42
C GLY A 225 7.69 31.69 -21.46
N ALA A 226 8.73 31.49 -20.66
CA ALA A 226 9.31 30.17 -20.52
C ALA A 226 9.64 29.90 -19.06
N ASN A 227 9.34 28.69 -18.61
CA ASN A 227 9.73 28.26 -17.29
C ASN A 227 10.44 26.93 -17.53
N LEU A 228 11.76 26.92 -17.37
CA LEU A 228 12.53 25.71 -17.58
C LEU A 228 13.06 25.24 -16.25
N GLY A 229 12.99 23.95 -16.01
CA GLY A 229 13.46 23.42 -14.75
C GLY A 229 14.20 22.11 -14.89
N LEU A 230 15.14 21.88 -13.98
CA LEU A 230 15.84 20.61 -13.91
C LEU A 230 15.99 20.19 -12.44
N PHE A 231 15.50 18.98 -12.10
CA PHE A 231 15.72 18.41 -10.77
C PHE A 231 16.63 17.22 -10.90
N VAL A 232 17.55 17.06 -9.95
CA VAL A 232 18.39 15.86 -9.86
C VAL A 232 18.32 15.31 -8.45
N ASP A 233 17.86 14.07 -8.33
CA ASP A 233 17.56 13.44 -7.04
C ASP A 233 18.45 12.23 -6.78
N ARG A 234 18.88 12.07 -5.54
CA ARG A 234 19.56 10.85 -5.13
C ARG A 234 19.17 10.50 -3.70
N ASP A 235 19.41 9.26 -3.28
CA ASP A 235 19.13 8.94 -1.89
C ASP A 235 20.13 9.64 -0.96
N ASP A 236 19.74 9.81 0.30
CA ASP A 236 20.58 10.47 1.28
C ASP A 236 20.77 9.57 2.50
N GLY A 237 21.94 9.65 3.12
CA GLY A 237 22.15 8.97 4.39
C GLY A 237 21.80 7.50 4.37
N ALA A 238 20.95 7.09 5.31
CA ALA A 238 20.55 5.69 5.46
C ALA A 238 19.64 5.19 4.34
N ALA A 239 19.19 6.10 3.49
CA ALA A 239 18.37 5.75 2.33
C ALA A 239 17.15 4.92 2.72
N ARG A 240 16.34 5.47 3.61
CA ARG A 240 15.18 4.74 4.15
C ARG A 240 14.09 4.44 3.14
N ALA A 241 14.05 5.19 2.04
CA ALA A 241 13.06 4.99 0.99
C ALA A 241 13.66 4.20 -0.17
N GLY A 242 14.81 3.58 0.10
CA GLY A 242 15.51 2.80 -0.90
C GLY A 242 16.47 3.66 -1.68
N GLU A 243 17.26 3.02 -2.55
CA GLU A 243 18.14 3.82 -3.38
C GLU A 243 17.34 4.58 -4.42
N ILE A 244 17.81 5.79 -4.70
CA ILE A 244 17.10 6.72 -5.55
C ILE A 244 18.10 7.37 -6.49
N ASP A 245 17.74 7.42 -7.78
CA ASP A 245 18.55 8.14 -8.76
C ASP A 245 17.59 8.60 -9.84
N SER A 246 17.37 9.91 -9.94
CA SER A 246 16.39 10.45 -10.86
C SER A 246 16.86 11.79 -11.38
N HIS A 247 16.44 12.15 -12.59
CA HIS A 247 16.50 13.55 -13.01
C HIS A 247 15.24 13.86 -13.78
N THR A 248 14.74 15.08 -13.64
CA THR A 248 13.50 15.46 -14.28
C THR A 248 13.74 16.80 -14.93
N VAL A 249 13.39 16.92 -16.20
CA VAL A 249 13.49 18.20 -16.90
CA VAL A 249 13.51 18.18 -16.92
C VAL A 249 12.14 18.56 -17.44
N TYR A 250 11.81 19.85 -17.38
CA TYR A 250 10.54 20.31 -17.93
C TYR A 250 10.77 21.68 -18.56
N GLY A 251 9.93 22.00 -19.54
CA GLY A 251 9.84 23.35 -20.05
C GLY A 251 8.36 23.62 -20.22
N LEU A 252 7.90 24.72 -19.64
CA LEU A 252 6.51 25.13 -19.77
C LEU A 252 6.55 26.48 -20.47
N PHE A 253 5.92 26.53 -21.64
CA PHE A 253 6.01 27.70 -22.51
C PHE A 253 4.64 28.33 -22.65
N SER A 254 4.60 29.67 -22.59
CA SER A 254 3.32 30.35 -22.69
C SER A 254 3.35 31.41 -23.77
N ALA A 255 2.20 31.63 -24.38
CA ALA A 255 2.06 32.70 -25.34
C ALA A 255 0.73 33.37 -25.06
N GLY A 256 0.80 34.64 -24.68
CA GLY A 256 -0.40 35.35 -24.28
C GLY A 256 -0.65 36.51 -25.21
N ILE A 257 -1.91 36.71 -25.56
CA ILE A 257 -2.29 37.89 -26.33
C ILE A 257 -3.68 38.31 -25.93
N GLY A 258 -3.85 39.59 -25.62
CA GLY A 258 -5.13 40.09 -25.13
C GLY A 258 -5.59 39.26 -23.95
N LEU A 259 -6.80 38.71 -24.08
CA LEU A 259 -7.44 38.00 -22.98
C LEU A 259 -7.18 36.51 -23.03
N HIS A 260 -6.30 36.09 -23.94
CA HIS A 260 -6.07 34.66 -24.19
C HIS A 260 -4.69 34.23 -23.76
N THR A 261 -4.55 33.03 -23.22
CA THR A 261 -3.20 32.52 -22.96
C THR A 261 -3.13 31.06 -23.38
N PHE A 262 -2.07 30.71 -24.10
CA PHE A 262 -1.85 29.34 -24.59
C PHE A 262 -0.59 28.79 -23.94
N TYR A 263 -0.58 27.50 -23.60
CA TYR A 263 0.63 26.91 -23.01
C TYR A 263 0.93 25.58 -23.68
N LEU A 264 2.22 25.28 -23.78
CA LEU A 264 2.72 23.96 -24.15
C LEU A 264 3.75 23.56 -23.11
N GLY A 265 3.55 22.40 -22.49
CA GLY A 265 4.53 21.86 -21.56
C GLY A 265 5.15 20.57 -22.06
N LEU A 266 6.45 20.40 -21.84
CA LEU A 266 7.15 19.21 -22.24
C LEU A 266 8.00 18.78 -21.05
N GLN A 267 8.01 17.49 -20.75
CA GLN A 267 8.68 17.04 -19.53
C GLN A 267 9.16 15.59 -19.66
N LYS A 268 10.27 15.28 -19.00
CA LYS A 268 10.80 13.93 -19.02
C LYS A 268 11.50 13.59 -17.72
N VAL A 269 11.10 12.48 -17.11
CA VAL A 269 11.82 11.92 -15.97
C VAL A 269 12.74 10.81 -16.46
N GLY A 270 13.98 10.78 -15.96
CA GLY A 270 14.92 9.75 -16.35
C GLY A 270 15.69 9.20 -15.17
N GLY A 271 16.37 8.08 -15.38
CA GLY A 271 17.13 7.44 -14.32
C GLY A 271 16.36 6.26 -13.78
N ASP A 272 16.77 5.75 -12.62
CA ASP A 272 16.11 4.59 -12.03
C ASP A 272 14.77 4.89 -11.36
N SER A 273 14.58 6.15 -10.94
CA SER A 273 13.50 6.46 -10.00
C SER A 273 12.64 7.60 -10.52
N GLY A 274 11.54 7.85 -9.84
CA GLY A 274 10.69 9.00 -10.15
C GLY A 274 11.22 10.25 -9.45
N TRP A 275 10.54 11.37 -9.67
CA TRP A 275 10.89 12.65 -9.05
C TRP A 275 10.49 12.65 -7.58
N GLN A 276 11.34 13.22 -6.73
CA GLN A 276 11.13 13.18 -5.28
C GLN A 276 10.54 14.47 -4.72
N SER A 277 9.76 14.33 -3.67
CA SER A 277 9.17 15.48 -2.97
C SER A 277 8.67 15.01 -1.63
N VAL A 278 8.38 15.96 -0.76
CA VAL A 278 7.96 15.65 0.62
C VAL A 278 6.49 15.23 0.62
N TYR A 279 6.22 14.15 1.35
CA TYR A 279 4.88 13.58 1.44
C TYR A 279 3.88 14.62 1.89
N GLY A 280 2.78 14.71 1.15
CA GLY A 280 1.73 15.67 1.44
C GLY A 280 1.90 17.02 0.75
N SER A 281 3.10 17.29 0.26
CA SER A 281 3.36 18.55 -0.42
C SER A 281 2.74 18.56 -1.81
N SER A 282 2.65 19.75 -2.37
CA SER A 282 2.09 19.97 -3.70
C SER A 282 3.16 19.73 -4.77
N GLY A 283 2.72 19.25 -5.92
CA GLY A 283 3.59 19.03 -7.07
C GLY A 283 3.74 20.22 -7.99
N ARG A 284 3.35 21.42 -7.53
CA ARG A 284 3.21 22.57 -8.43
C ARG A 284 4.53 23.19 -8.94
N SER A 285 5.68 22.73 -8.44
CA SER A 285 6.94 23.16 -9.05
C SER A 285 7.16 22.51 -10.41
N MET A 286 6.47 21.41 -10.66
CA MET A 286 6.70 20.63 -11.86
C MET A 286 5.93 21.21 -13.04
N GLY A 287 6.58 21.28 -14.20
CA GLY A 287 5.98 21.94 -15.35
C GLY A 287 4.61 21.41 -15.74
N ASN A 288 4.46 20.10 -15.76
CA ASN A 288 3.17 19.50 -16.15
C ASN A 288 2.25 19.13 -14.98
N ASP A 289 2.38 19.85 -13.87
CA ASP A 289 1.46 19.66 -12.75
C ASP A 289 0.02 19.95 -13.13
N MET A 290 -0.87 19.04 -12.75
CA MET A 290 -2.30 19.20 -12.97
C MET A 290 -3.02 18.90 -11.67
N PHE A 291 -4.35 18.89 -11.69
CA PHE A 291 -5.08 18.73 -10.43
C PHE A 291 -4.73 17.44 -9.71
N ASN A 292 -4.61 16.34 -10.46
CA ASN A 292 -4.48 15.03 -9.84
C ASN A 292 -3.17 14.29 -10.11
N GLY A 293 -2.16 15.02 -10.57
CA GLY A 293 -0.87 14.40 -10.75
C GLY A 293 0.03 15.31 -11.55
N ASN A 294 1.31 14.98 -11.63
CA ASN A 294 2.24 15.78 -12.42
C ASN A 294 3.16 14.97 -13.31
N PHE A 295 2.76 13.73 -13.63
CA PHE A 295 3.44 12.90 -14.61
C PHE A 295 4.92 12.67 -14.27
N THR A 296 5.20 12.32 -13.02
CA THR A 296 6.59 12.15 -12.57
C THR A 296 6.96 10.73 -12.16
N ASN A 297 6.24 9.75 -12.71
CA ASN A 297 6.70 8.38 -12.55
C ASN A 297 8.06 8.19 -13.22
N ALA A 298 8.83 7.24 -12.72
CA ALA A 298 10.12 6.90 -13.35
C ALA A 298 9.94 6.75 -14.86
N ASP A 299 10.89 7.31 -15.62
CA ASP A 299 10.96 7.19 -17.09
C ASP A 299 9.88 7.94 -17.87
N GLU A 300 8.95 8.57 -17.16
CA GLU A 300 7.76 9.12 -17.83
C GLU A 300 8.05 10.36 -18.67
N ARG A 301 7.57 10.33 -19.90
CA ARG A 301 7.65 11.49 -20.79
C ARG A 301 6.24 12.06 -20.89
N SER A 302 6.11 13.39 -20.87
CA SER A 302 4.77 13.93 -20.95
C SER A 302 4.71 15.25 -21.68
N TRP A 303 3.52 15.55 -22.20
CA TRP A 303 3.25 16.86 -22.78
C TRP A 303 1.91 17.39 -22.29
N GLN A 304 1.74 18.69 -22.36
CA GLN A 304 0.52 19.33 -21.92
C GLN A 304 0.18 20.48 -22.85
N VAL A 305 -1.11 20.65 -23.13
CA VAL A 305 -1.58 21.90 -23.77
C VAL A 305 -2.64 22.53 -22.86
N ARG A 306 -2.64 23.85 -22.81
CA ARG A 306 -3.55 24.54 -21.91
C ARG A 306 -4.01 25.83 -22.58
N TYR A 307 -5.25 26.22 -22.30
CA TYR A 307 -5.78 27.47 -22.80
C TYR A 307 -6.53 28.16 -21.66
N ASP A 308 -6.24 29.44 -21.43
CA ASP A 308 -6.92 30.26 -20.42
C ASP A 308 -7.61 31.42 -21.11
N TYR A 309 -8.79 31.80 -20.61
CA TYR A 309 -9.50 32.96 -21.15
C TYR A 309 -10.07 33.80 -20.02
N ASP A 310 -9.93 35.12 -20.16
CA ASP A 310 -10.49 36.09 -19.23
C ASP A 310 -11.83 36.56 -19.80
N PHE A 311 -12.93 36.19 -19.13
CA PHE A 311 -14.27 36.43 -19.67
C PHE A 311 -14.73 37.88 -19.55
N VAL A 312 -13.85 38.79 -19.13
CA VAL A 312 -14.19 40.21 -19.21
C VAL A 312 -14.54 40.54 -20.67
N GLY A 313 -13.96 39.78 -21.60
CA GLY A 313 -14.22 39.99 -23.02
C GLY A 313 -15.64 39.68 -23.44
N LEU A 314 -16.35 38.94 -22.61
CA LEU A 314 -17.78 38.67 -22.84
C LEU A 314 -18.67 39.41 -21.82
N GLY A 315 -18.10 40.41 -21.17
CA GLY A 315 -18.84 41.24 -20.23
C GLY A 315 -19.00 40.64 -18.85
N TRP A 316 -18.14 39.67 -18.53
CA TRP A 316 -18.20 39.00 -17.25
C TRP A 316 -16.87 39.19 -16.49
N PRO A 317 -16.56 40.45 -16.10
CA PRO A 317 -15.31 40.68 -15.37
C PRO A 317 -15.30 39.89 -14.08
N GLY A 318 -14.16 39.28 -13.79
CA GLY A 318 -14.02 38.44 -12.62
C GLY A 318 -14.18 36.96 -12.93
N LEU A 319 -14.70 36.64 -14.11
CA LEU A 319 -14.84 35.24 -14.51
C LEU A 319 -13.64 34.83 -15.37
N ILE A 320 -12.93 33.78 -14.96
CA ILE A 320 -11.81 33.29 -15.76
C ILE A 320 -11.98 31.80 -15.96
N GLY A 321 -11.53 31.30 -17.11
CA GLY A 321 -11.61 29.88 -17.39
C GLY A 321 -10.28 29.27 -17.79
N MET A 322 -10.14 27.97 -17.55
CA MET A 322 -8.96 27.24 -17.99
CA MET A 322 -8.95 27.22 -17.99
C MET A 322 -9.38 25.86 -18.48
N VAL A 323 -8.77 25.40 -19.57
CA VAL A 323 -8.87 24.01 -19.97
C VAL A 323 -7.47 23.48 -20.24
N ARG A 324 -7.14 22.29 -19.76
CA ARG A 324 -5.82 21.75 -20.04
C ARG A 324 -5.88 20.25 -20.20
N TYR A 325 -4.99 19.72 -21.03
CA TYR A 325 -4.90 18.29 -21.28
C TYR A 325 -3.43 17.89 -21.19
N GLY A 326 -3.17 16.81 -20.47
CA GLY A 326 -1.82 16.28 -20.35
C GLY A 326 -1.80 14.79 -20.64
N HIS A 327 -0.73 14.34 -21.27
CA HIS A 327 -0.57 12.91 -21.56
C HIS A 327 0.82 12.46 -21.21
N GLY A 328 0.93 11.31 -20.55
CA GLY A 328 2.22 10.75 -20.21
C GLY A 328 2.36 9.35 -20.79
N SER A 329 3.58 8.98 -21.14
CA SER A 329 3.84 7.63 -21.64
C SER A 329 5.19 7.17 -21.10
N ASN A 330 5.52 5.91 -21.36
CA ASN A 330 6.79 5.34 -20.90
C ASN A 330 6.91 5.29 -19.38
N ALA A 331 5.79 5.23 -18.66
CA ALA A 331 5.81 5.29 -17.20
C ALA A 331 6.19 3.96 -16.58
N THR A 332 7.21 3.98 -15.71
CA THR A 332 7.61 2.80 -14.97
C THR A 332 7.07 2.90 -13.56
N THR A 333 6.31 1.90 -13.14
CA THR A 333 5.76 1.83 -11.80
C THR A 333 6.11 0.45 -11.24
N LYS A 334 5.74 0.18 -10.00
CA LYS A 334 6.09 -1.12 -9.42
C LYS A 334 5.50 -2.24 -10.25
N ALA A 335 4.30 -2.03 -10.76
CA ALA A 335 3.59 -3.05 -11.53
C ALA A 335 4.27 -3.43 -12.85
N GLY A 336 4.82 -2.44 -13.55
CA GLY A 336 5.46 -2.71 -14.83
C GLY A 336 5.93 -1.45 -15.54
N SER A 337 6.44 -1.61 -16.75
CA SER A 337 6.91 -0.46 -17.54
C SER A 337 5.97 -0.15 -18.70
N GLY A 338 6.24 0.96 -19.38
CA GLY A 338 5.47 1.33 -20.54
C GLY A 338 4.08 1.84 -20.24
N GLY A 339 3.86 2.31 -19.00
CA GLY A 339 2.55 2.81 -18.62
C GLY A 339 2.18 4.11 -19.32
N LYS A 340 0.88 4.33 -19.49
CA LYS A 340 0.39 5.55 -20.16
C LYS A 340 -0.72 6.17 -19.31
N GLU A 341 -0.86 7.50 -19.38
CA GLU A 341 -1.92 8.15 -18.63
C GLU A 341 -2.31 9.46 -19.29
N TRP A 342 -3.51 9.93 -19.01
CA TRP A 342 -3.84 11.30 -19.38
C TRP A 342 -4.74 11.93 -18.33
N GLU A 343 -4.73 13.27 -18.33
CA GLU A 343 -5.64 14.01 -17.47
C GLU A 343 -6.18 15.20 -18.25
N ARG A 344 -7.48 15.45 -18.11
CA ARG A 344 -8.08 16.68 -18.63
C ARG A 344 -8.72 17.44 -17.47
N ASP A 345 -8.33 18.70 -17.30
CA ASP A 345 -8.87 19.58 -16.25
C ASP A 345 -9.63 20.72 -16.90
N VAL A 346 -10.79 21.08 -16.33
CA VAL A 346 -11.51 22.27 -16.78
C VAL A 346 -11.89 23.04 -15.53
N GLU A 347 -11.72 24.35 -15.56
CA GLU A 347 -12.11 25.15 -14.40
C GLU A 347 -12.73 26.48 -14.81
N LEU A 348 -13.78 26.87 -14.09
CA LEU A 348 -14.35 28.20 -14.17
C LEU A 348 -14.24 28.82 -12.80
N GLY A 349 -13.66 30.01 -12.71
CA GLY A 349 -13.55 30.70 -11.43
C GLY A 349 -14.18 32.07 -11.52
N TYR A 350 -15.04 32.40 -10.56
CA TYR A 350 -15.67 33.71 -10.54
C TYR A 350 -15.41 34.43 -9.24
N THR A 351 -14.94 35.66 -9.34
CA THR A 351 -14.73 36.50 -8.18
C THR A 351 -15.64 37.70 -8.29
N VAL A 352 -16.50 37.91 -7.29
CA VAL A 352 -17.40 39.06 -7.30
C VAL A 352 -16.58 40.36 -7.24
N GLN A 353 -16.81 41.24 -8.20
CA GLN A 353 -15.97 42.42 -8.37
C GLN A 353 -16.42 43.61 -7.53
N SER A 354 -17.73 43.71 -7.30
CA SER A 354 -18.29 44.83 -6.55
C SER A 354 -19.55 44.42 -5.79
N GLY A 355 -20.03 45.32 -4.94
CA GLY A 355 -21.26 45.08 -4.20
C GLY A 355 -21.00 44.44 -2.86
N PRO A 356 -22.07 44.03 -2.17
CA PRO A 356 -22.00 43.46 -0.82
C PRO A 356 -21.17 42.18 -0.76
N LEU A 357 -21.16 41.42 -1.86
CA LEU A 357 -20.44 40.15 -1.88
C LEU A 357 -19.07 40.25 -2.55
N ALA A 358 -18.56 41.47 -2.69
CA ALA A 358 -17.24 41.68 -3.30
C ALA A 358 -16.20 40.75 -2.68
N ARG A 359 -15.39 40.14 -3.55
CA ARG A 359 -14.28 39.27 -3.15
C ARG A 359 -14.69 37.82 -2.99
N LEU A 360 -15.99 37.57 -2.93
CA LEU A 360 -16.49 36.19 -2.90
C LEU A 360 -15.98 35.47 -4.15
N ASN A 361 -15.46 34.27 -3.95
CA ASN A 361 -14.90 33.51 -5.06
C ASN A 361 -15.59 32.15 -5.16
N VAL A 362 -16.00 31.79 -6.37
CA VAL A 362 -16.63 30.51 -6.61
C VAL A 362 -15.85 29.79 -7.69
N ARG A 363 -15.27 28.65 -7.36
CA ARG A 363 -14.51 27.87 -8.33
C ARG A 363 -15.19 26.54 -8.56
N LEU A 364 -15.44 26.23 -9.83
CA LEU A 364 -16.03 24.96 -10.19
C LEU A 364 -15.04 24.29 -11.13
N ASN A 365 -14.63 23.07 -10.80
CA ASN A 365 -13.72 22.40 -11.70
C ASN A 365 -13.98 20.91 -11.85
N HIS A 366 -13.45 20.36 -12.93
CA HIS A 366 -13.65 18.96 -13.23
C HIS A 366 -12.33 18.40 -13.73
N ALA A 367 -12.02 17.17 -13.30
CA ALA A 367 -10.83 16.49 -13.81
C ALA A 367 -11.26 15.10 -14.27
N SER A 368 -10.68 14.65 -15.38
CA SER A 368 -10.83 13.27 -15.81
C SER A 368 -9.44 12.69 -15.85
N ASN A 369 -9.25 11.56 -15.17
CA ASN A 369 -7.95 10.88 -15.14
C ASN A 369 -8.07 9.46 -15.66
N ARG A 370 -7.21 9.09 -16.58
CA ARG A 370 -7.16 7.73 -17.08
C ARG A 370 -5.71 7.25 -17.01
N ARG A 371 -5.51 6.07 -16.43
CA ARG A 371 -4.18 5.54 -16.23
C ARG A 371 -4.17 4.06 -16.55
N SER A 372 -3.22 3.61 -17.37
CA SER A 372 -3.15 2.20 -17.72
C SER A 372 -2.71 1.38 -16.52
N PHE A 373 -2.08 2.06 -15.56
CA PHE A 373 -1.40 1.39 -14.45
C PHE A 373 -2.04 1.69 -13.09
N ASN A 374 -3.17 2.38 -13.10
CA ASN A 374 -3.90 2.66 -11.86
C ASN A 374 -5.38 2.90 -12.16
N SER A 375 -6.14 3.29 -11.13
CA SER A 375 -7.59 3.44 -11.26
C SER A 375 -7.98 4.67 -12.08
N ASP A 376 -8.95 4.52 -12.98
CA ASP A 376 -9.50 5.67 -13.70
C ASP A 376 -10.61 6.34 -12.87
N PHE A 377 -10.71 7.67 -12.98
CA PHE A 377 -11.77 8.37 -12.26
C PHE A 377 -12.02 9.77 -12.81
N ASP A 378 -13.20 10.28 -12.55
CA ASP A 378 -13.54 11.68 -12.82
C ASP A 378 -13.72 12.35 -11.46
N GLN A 379 -13.53 13.67 -11.42
CA GLN A 379 -13.59 14.38 -10.16
C GLN A 379 -14.19 15.75 -10.39
N THR A 380 -15.11 16.14 -9.50
CA THR A 380 -15.80 17.42 -9.60
C THR A 380 -15.64 18.14 -8.27
N ARG A 381 -15.31 19.42 -8.30
CA ARG A 381 -15.20 20.18 -7.06
C ARG A 381 -15.87 21.53 -7.21
N LEU A 382 -16.47 21.98 -6.12
CA LEU A 382 -17.05 23.31 -6.05
C LEU A 382 -16.55 23.92 -4.75
N VAL A 383 -15.81 25.02 -4.87
CA VAL A 383 -15.26 25.66 -3.69
C VAL A 383 -15.71 27.10 -3.63
N VAL A 384 -16.38 27.47 -2.54
CA VAL A 384 -16.86 28.84 -2.39
C VAL A 384 -16.11 29.48 -1.23
N SER A 385 -15.38 30.56 -1.52
CA SER A 385 -14.47 31.13 -0.54
C SER A 385 -14.82 32.60 -0.33
N TYR A 386 -14.81 33.04 0.92
CA TYR A 386 -15.04 34.43 1.23
C TYR A 386 -13.97 34.96 2.16
N PRO A 387 -13.21 35.97 1.70
CA PRO A 387 -12.15 36.51 2.55
C PRO A 387 -12.59 37.77 3.29
N LEU A 388 -12.29 37.84 4.58
CA LEU A 388 -12.53 39.02 5.38
C LEU A 388 -11.18 39.46 5.92
N SER A 389 -10.94 40.76 5.95
CA SER A 389 -9.67 41.27 6.46
C SER A 389 -9.87 42.56 7.24
N TRP A 390 -9.19 42.66 8.38
CA TRP A 390 -9.26 43.85 9.21
C TRP A 390 -7.97 44.03 9.99
N GLY B 4 2.89 1.41 21.61
CA GLY B 4 2.78 0.93 22.97
C GLY B 4 2.02 -0.39 23.06
N PHE B 5 2.22 -1.11 24.16
CA PHE B 5 1.60 -2.41 24.37
C PHE B 5 0.09 -2.38 24.18
N LEU B 6 -0.58 -1.42 24.82
CA LEU B 6 -2.03 -1.32 24.73
C LEU B 6 -2.46 -0.42 23.57
N GLU B 7 -1.74 0.68 23.37
CA GLU B 7 -2.09 1.66 22.35
C GLU B 7 -2.22 1.04 20.97
N ASP B 8 -1.36 0.08 20.66
CA ASP B 8 -1.34 -0.53 19.32
C ASP B 8 -1.95 -1.92 19.31
N ALA B 9 -2.59 -2.29 20.42
CA ALA B 9 -3.18 -3.62 20.53
C ALA B 9 -4.35 -3.75 19.56
N LYS B 10 -4.51 -4.93 19.00
CA LYS B 10 -5.65 -5.19 18.13
C LYS B 10 -6.30 -6.52 18.47
N THR B 11 -7.63 -6.54 18.40
CA THR B 11 -8.36 -7.76 18.68
C THR B 11 -9.18 -8.12 17.45
N ASP B 12 -9.04 -9.37 17.01
CA ASP B 12 -9.83 -9.85 15.88
C ASP B 12 -10.58 -11.12 16.26
N LEU B 13 -11.88 -11.11 16.03
CA LEU B 13 -12.70 -12.30 16.25
C LEU B 13 -13.29 -12.73 14.91
N VAL B 14 -13.14 -14.00 14.58
CA VAL B 14 -13.80 -14.54 13.41
C VAL B 14 -14.82 -15.59 13.85
N LEU B 15 -16.06 -15.43 13.39
CA LEU B 15 -17.09 -16.44 13.57
C LEU B 15 -17.11 -17.26 12.29
N ARG B 16 -17.03 -18.58 12.42
CA ARG B 16 -16.97 -19.43 11.23
C ARG B 16 -17.99 -20.55 11.31
N ASN B 17 -19.03 -20.48 10.47
CA ASN B 17 -20.02 -21.54 10.44
C ASN B 17 -19.70 -22.45 9.25
N TYR B 18 -19.52 -23.74 9.51
CA TYR B 18 -18.91 -24.60 8.51
C TYR B 18 -19.73 -25.87 8.29
N TYR B 19 -20.24 -26.04 7.07
CA TYR B 19 -20.89 -27.27 6.66
C TYR B 19 -19.97 -28.06 5.74
N PHE B 20 -19.83 -29.36 6.01
CA PHE B 20 -18.91 -30.23 5.27
C PHE B 20 -19.59 -31.54 4.91
N ASN B 21 -19.56 -31.88 3.63
CA ASN B 21 -20.10 -33.15 3.17
C ASN B 21 -19.10 -33.81 2.24
N ARG B 22 -18.78 -35.07 2.52
CA ARG B 22 -17.93 -35.83 1.61
C ARG B 22 -18.61 -37.15 1.34
N ASP B 23 -18.92 -37.38 0.07
CA ASP B 23 -19.72 -38.52 -0.36
C ASP B 23 -18.85 -39.43 -1.20
N PHE B 24 -18.56 -40.62 -0.69
CA PHE B 24 -17.64 -41.52 -1.38
C PHE B 24 -18.32 -42.26 -2.52
N ARG B 25 -17.52 -42.65 -3.51
CA ARG B 25 -17.98 -43.18 -4.78
C ARG B 25 -18.33 -42.00 -5.69
N ASP B 26 -17.72 -41.95 -6.86
CA ASP B 26 -17.75 -40.77 -7.74
C ASP B 26 -18.87 -39.77 -7.46
N LEU B 33 -20.27 -41.98 4.26
CA LEU B 33 -20.70 -40.61 4.06
C LEU B 33 -20.30 -39.73 5.23
N VAL B 34 -19.53 -38.70 4.94
CA VAL B 34 -19.15 -37.74 5.98
C VAL B 34 -20.02 -36.51 5.86
N ASP B 35 -20.73 -36.16 6.92
CA ASP B 35 -21.63 -35.01 6.87
C ASP B 35 -21.61 -34.34 8.23
N GLU B 36 -20.98 -33.17 8.31
CA GLU B 36 -20.76 -32.51 9.58
C GLU B 36 -21.09 -31.03 9.48
N TRP B 37 -21.48 -30.45 10.61
CA TRP B 37 -21.82 -29.03 10.65
C TRP B 37 -21.33 -28.51 12.00
N ALA B 38 -20.61 -27.39 11.98
CA ALA B 38 -20.09 -26.86 13.24
C ALA B 38 -19.94 -25.35 13.22
N GLN B 39 -19.86 -24.77 14.42
CA GLN B 39 -19.62 -23.34 14.58
C GLN B 39 -18.28 -23.11 15.27
N GLY B 40 -17.46 -22.27 14.66
CA GLY B 40 -16.14 -21.97 15.18
C GLY B 40 -16.00 -20.52 15.61
N PHE B 41 -15.15 -20.32 16.61
CA PHE B 41 -14.79 -18.98 17.07
C PHE B 41 -13.28 -18.90 17.14
N ILE B 42 -12.70 -17.91 16.46
CA ILE B 42 -11.25 -17.75 16.45
C ILE B 42 -10.95 -16.35 16.90
N LEU B 43 -10.33 -16.23 18.08
CA LEU B 43 -10.09 -14.93 18.69
C LEU B 43 -8.60 -14.70 18.77
N LYS B 44 -8.14 -13.64 18.11
CA LYS B 44 -6.71 -13.30 18.12
C LYS B 44 -6.50 -11.97 18.83
N PHE B 45 -5.70 -12.00 19.90
CA PHE B 45 -5.31 -10.82 20.64
C PHE B 45 -3.84 -10.57 20.36
N SER B 46 -3.53 -9.46 19.69
CA SER B 46 -2.15 -9.13 19.38
C SER B 46 -1.81 -7.78 19.99
N SER B 47 -0.85 -7.76 20.90
CA SER B 47 -0.47 -6.52 21.56
C SER B 47 0.41 -5.67 20.65
N GLY B 48 0.62 -4.42 21.05
CA GLY B 48 1.67 -3.63 20.45
C GLY B 48 2.98 -3.96 21.14
N TYR B 49 4.01 -3.19 20.86
CA TYR B 49 5.30 -3.39 21.50
C TYR B 49 5.57 -2.23 22.45
N THR B 50 6.11 -2.54 23.61
CA THR B 50 6.56 -1.48 24.52
C THR B 50 7.64 -0.67 23.81
N PRO B 51 7.62 0.66 23.98
CA PRO B 51 8.60 1.50 23.31
C PRO B 51 10.00 1.32 23.86
N GLY B 52 11.01 1.52 23.01
CA GLY B 52 12.37 1.42 23.46
C GLY B 52 13.24 0.52 22.61
N THR B 53 14.48 0.33 23.04
CA THR B 53 15.45 -0.44 22.27
C THR B 53 15.01 -1.90 22.11
N VAL B 54 14.56 -2.50 23.21
CA VAL B 54 13.96 -3.82 23.15
C VAL B 54 12.47 -3.66 23.43
N GLY B 55 11.64 -3.99 22.45
CA GLY B 55 10.20 -3.91 22.60
C GLY B 55 9.68 -5.28 23.00
N VAL B 56 8.72 -5.29 23.92
CA VAL B 56 8.14 -6.54 24.37
C VAL B 56 6.64 -6.54 24.10
N GLY B 57 6.11 -7.71 23.77
CA GLY B 57 4.69 -7.84 23.51
C GLY B 57 4.19 -9.24 23.77
N LEU B 58 2.91 -9.45 23.52
CA LEU B 58 2.27 -10.72 23.78
C LEU B 58 1.15 -10.92 22.77
N ASP B 59 1.08 -12.12 22.20
CA ASP B 59 -0.05 -12.51 21.35
C ASP B 59 -0.76 -13.67 22.03
N ALA B 60 -2.09 -13.69 21.90
CA ALA B 60 -2.85 -14.85 22.36
C ALA B 60 -3.84 -15.27 21.29
N ILE B 61 -4.15 -16.56 21.26
CA ILE B 61 -5.19 -17.02 20.34
C ILE B 61 -6.13 -17.93 21.11
N GLY B 62 -7.42 -17.73 20.91
CA GLY B 62 -8.41 -18.56 21.55
C GLY B 62 -9.23 -19.23 20.46
N LEU B 63 -9.35 -20.54 20.55
CA LEU B 63 -10.06 -21.34 19.55
C LEU B 63 -11.15 -22.15 20.22
N PHE B 64 -12.35 -22.10 19.65
CA PHE B 64 -13.46 -22.86 20.24
C PHE B 64 -14.40 -23.32 19.14
N GLY B 65 -14.75 -24.60 19.18
CA GLY B 65 -15.63 -25.15 18.17
C GLY B 65 -16.77 -25.91 18.81
N VAL B 66 -17.95 -25.78 18.20
CA VAL B 66 -19.18 -26.38 18.73
C VAL B 66 -19.85 -27.19 17.62
N LYS B 67 -20.13 -28.46 17.92
CA LYS B 67 -20.85 -29.32 16.99
C LYS B 67 -22.31 -28.87 16.83
N LEU B 68 -22.78 -28.82 15.58
CA LEU B 68 -24.18 -28.42 15.31
C LEU B 68 -25.02 -29.53 14.75
N ASN B 69 -24.46 -30.28 13.82
CA ASN B 69 -25.24 -31.26 13.07
C ASN B 69 -25.91 -32.30 13.96
N SER B 70 -27.20 -32.53 13.70
CA SER B 70 -28.00 -33.57 14.34
C SER B 70 -29.47 -33.28 14.11
N GLU B 78 -13.29 -33.51 9.20
CA GLU B 78 -12.33 -33.17 10.23
C GLU B 78 -12.69 -31.84 10.86
N LEU B 79 -13.96 -31.65 11.23
CA LEU B 79 -14.32 -30.39 11.87
C LEU B 79 -14.16 -30.47 13.37
N LEU B 80 -14.31 -31.68 13.91
CA LEU B 80 -14.31 -31.87 15.36
C LEU B 80 -13.49 -33.11 15.67
N PRO B 81 -12.89 -33.16 16.87
CA PRO B 81 -12.18 -34.39 17.25
C PRO B 81 -13.17 -35.52 17.51
N LEU B 82 -12.71 -36.76 17.39
CA LEU B 82 -13.53 -37.92 17.70
C LEU B 82 -13.20 -38.50 19.07
N HIS B 83 -14.18 -39.13 19.70
CA HIS B 83 -13.92 -39.89 20.92
C HIS B 83 -13.40 -41.27 20.54
N ASP B 84 -13.04 -42.07 21.54
CA ASP B 84 -12.51 -43.41 21.31
C ASP B 84 -13.48 -44.27 20.52
N ASP B 85 -14.78 -44.00 20.66
CA ASP B 85 -15.81 -44.81 20.04
C ASP B 85 -16.17 -44.33 18.63
N GLY B 86 -15.51 -43.27 18.18
CA GLY B 86 -15.74 -42.76 16.84
C GLY B 86 -16.87 -41.76 16.77
N ARG B 87 -17.21 -41.19 17.92
CA ARG B 87 -18.26 -40.18 17.99
C ARG B 87 -17.64 -38.79 18.12
N ALA B 88 -18.15 -37.83 17.37
CA ALA B 88 -17.60 -36.48 17.38
C ALA B 88 -17.89 -35.77 18.69
N ALA B 89 -16.91 -35.03 19.19
CA ALA B 89 -17.04 -34.28 20.43
C ALA B 89 -18.09 -33.19 20.28
N ASP B 90 -18.75 -32.84 21.38
CA ASP B 90 -19.78 -31.80 21.31
C ASP B 90 -19.13 -30.45 21.11
N ASN B 91 -17.91 -30.31 21.63
CA ASN B 91 -17.14 -29.08 21.47
C ASN B 91 -15.67 -29.33 21.78
N TYR B 92 -14.82 -28.38 21.39
CA TYR B 92 -13.41 -28.47 21.72
C TYR B 92 -12.76 -27.11 21.56
N GLY B 93 -11.62 -26.92 22.21
CA GLY B 93 -10.89 -25.68 22.03
C GLY B 93 -9.65 -25.59 22.87
N ARG B 94 -8.92 -24.50 22.67
CA ARG B 94 -7.71 -24.29 23.43
C ARG B 94 -7.31 -22.83 23.35
N VAL B 95 -6.40 -22.43 24.22
CA VAL B 95 -5.86 -21.09 24.21
C VAL B 95 -4.36 -21.17 24.13
N GLY B 96 -3.76 -20.37 23.25
CA GLY B 96 -2.32 -20.33 23.10
C GLY B 96 -1.80 -18.92 23.31
N VAL B 97 -0.61 -18.81 23.88
CA VAL B 97 0.02 -17.50 24.05
C VAL B 97 1.43 -17.53 23.47
N ALA B 98 1.87 -16.39 22.94
CA ALA B 98 3.26 -16.25 22.51
C ALA B 98 3.81 -14.92 23.01
N ALA B 99 5.00 -14.96 23.58
CA ALA B 99 5.69 -13.72 23.94
C ALA B 99 6.43 -13.23 22.70
N LYS B 100 6.55 -11.92 22.55
CA LYS B 100 7.30 -11.39 21.42
C LYS B 100 8.31 -10.33 21.86
N LEU B 101 9.46 -10.31 21.19
CA LEU B 101 10.51 -9.35 21.48
C LEU B 101 10.97 -8.76 20.17
N ARG B 102 11.21 -7.45 20.14
CA ARG B 102 11.63 -6.80 18.92
C ARG B 102 12.82 -5.91 19.21
N VAL B 103 13.86 -6.02 18.39
CA VAL B 103 14.99 -5.12 18.48
C VAL B 103 15.31 -4.69 17.06
N SER B 104 15.39 -3.39 16.83
CA SER B 104 15.66 -2.87 15.48
C SER B 104 14.63 -3.44 14.50
N ALA B 105 15.10 -4.20 13.50
CA ALA B 105 14.22 -4.80 12.50
C ALA B 105 14.14 -6.32 12.63
N SER B 106 14.39 -6.81 13.84
CA SER B 106 14.36 -8.25 14.09
C SER B 106 13.35 -8.59 15.18
N GLU B 107 12.74 -9.76 15.08
CA GLU B 107 11.71 -10.14 16.05
C GLU B 107 11.86 -11.60 16.44
N LEU B 108 11.64 -11.88 17.71
CA LEU B 108 11.62 -13.25 18.21
C LEU B 108 10.26 -13.51 18.83
N LYS B 109 9.62 -14.61 18.48
CA LYS B 109 8.39 -15.00 19.14
C LYS B 109 8.57 -16.36 19.80
N ILE B 110 8.09 -16.52 21.03
CA ILE B 110 8.23 -17.78 21.75
C ILE B 110 6.88 -18.21 22.32
N GLY B 111 6.45 -19.43 21.96
CA GLY B 111 5.20 -19.95 22.47
C GLY B 111 4.38 -20.59 21.38
N GLU B 112 3.08 -20.31 21.38
CA GLU B 112 2.16 -20.92 20.42
C GLU B 112 1.87 -19.94 19.29
N MET B 113 2.00 -20.39 18.05
CA MET B 113 1.83 -19.50 16.91
C MET B 113 1.40 -20.27 15.65
N LEU B 114 1.25 -19.53 14.55
CA LEU B 114 0.75 -20.07 13.28
C LEU B 114 1.82 -19.90 12.19
N PRO B 115 2.79 -20.81 12.15
CA PRO B 115 3.87 -20.61 11.17
C PRO B 115 3.36 -20.69 9.74
N ASP B 116 3.83 -19.78 8.90
CA ASP B 116 3.38 -19.75 7.51
C ASP B 116 4.61 -19.53 6.64
N ILE B 117 5.44 -20.56 6.56
CA ILE B 117 6.68 -20.50 5.79
C ILE B 117 6.64 -21.62 4.75
N PRO B 118 7.49 -21.53 3.72
CA PRO B 118 7.41 -22.50 2.63
C PRO B 118 7.53 -23.96 3.06
N LEU B 119 8.33 -24.22 4.09
CA LEU B 119 8.51 -25.58 4.57
C LEU B 119 7.50 -26.03 5.63
N LEU B 120 6.61 -25.12 6.03
CA LEU B 120 5.68 -25.39 7.13
C LEU B 120 4.53 -24.40 7.07
N ARG B 121 3.45 -24.82 6.41
CA ARG B 121 2.29 -23.97 6.18
C ARG B 121 1.22 -24.43 7.13
N TYR B 122 0.92 -23.64 8.14
CA TYR B 122 -0.13 -24.05 9.07
C TYR B 122 -1.44 -24.27 8.33
N ASP B 123 -2.15 -25.32 8.71
CA ASP B 123 -3.40 -25.62 8.04
C ASP B 123 -4.58 -24.88 8.63
N ASP B 124 -5.41 -24.32 7.78
CA ASP B 124 -6.66 -23.73 8.26
C ASP B 124 -7.77 -24.03 7.28
N GLY B 125 -7.84 -25.29 6.87
CA GLY B 125 -8.82 -25.71 5.88
C GLY B 125 -10.11 -26.26 6.48
N ARG B 126 -10.20 -26.22 7.81
CA ARG B 126 -11.42 -26.70 8.47
C ARG B 126 -11.95 -25.67 9.48
N LEU B 127 -12.33 -26.12 10.68
CA LEU B 127 -13.05 -25.23 11.59
C LEU B 127 -12.15 -24.26 12.33
N LEU B 128 -11.06 -24.79 12.87
CA LEU B 128 -10.10 -24.00 13.66
C LEU B 128 -8.70 -24.31 13.14
N PRO B 129 -7.79 -23.33 13.19
CA PRO B 129 -6.45 -23.54 12.61
C PRO B 129 -5.57 -24.48 13.41
N GLN B 130 -4.69 -25.16 12.67
CA GLN B 130 -3.54 -25.84 13.28
C GLN B 130 -2.60 -24.82 13.90
N THR B 131 -2.09 -25.12 15.09
CA THR B 131 -1.11 -24.26 15.74
C THR B 131 0.12 -25.08 16.12
N PHE B 132 1.23 -24.38 16.38
CA PHE B 132 2.49 -25.02 16.76
C PHE B 132 3.08 -24.32 17.98
N ARG B 133 3.87 -25.07 18.75
CA ARG B 133 4.60 -24.51 19.88
C ARG B 133 6.09 -24.53 19.56
N GLY B 134 6.77 -23.40 19.79
CA GLY B 134 8.21 -23.35 19.59
C GLY B 134 8.71 -21.93 19.62
N PHE B 135 9.65 -21.61 18.75
CA PHE B 135 10.09 -20.23 18.62
C PHE B 135 10.41 -19.90 17.18
N ALA B 136 10.33 -18.62 16.85
CA ALA B 136 10.53 -18.18 15.46
C ALA B 136 11.21 -16.83 15.48
N VAL B 137 12.24 -16.67 14.64
CA VAL B 137 12.89 -15.37 14.49
C VAL B 137 12.72 -14.88 13.06
N VAL B 138 12.47 -13.59 12.90
CA VAL B 138 12.46 -12.96 11.58
C VAL B 138 13.34 -11.72 11.68
N SER B 139 14.27 -11.59 10.75
CA SER B 139 15.23 -10.48 10.82
C SER B 139 15.30 -9.78 9.48
N ARG B 140 15.06 -8.48 9.48
CA ARG B 140 15.04 -7.70 8.24
C ARG B 140 15.99 -6.51 8.32
N GLU B 141 17.19 -6.74 8.83
CA GLU B 141 18.15 -5.64 9.05
C GLU B 141 18.71 -5.08 7.75
N LEU B 142 18.77 -5.91 6.71
CA LEU B 142 19.30 -5.48 5.41
C LEU B 142 18.18 -5.33 4.41
N PRO B 143 18.21 -4.25 3.63
CA PRO B 143 17.13 -3.91 2.71
C PRO B 143 16.80 -5.05 1.74
N GLY B 144 15.52 -5.42 1.66
CA GLY B 144 15.07 -6.44 0.73
C GLY B 144 15.19 -7.87 1.22
N LEU B 145 15.96 -8.07 2.29
CA LEU B 145 16.30 -9.42 2.74
C LEU B 145 15.58 -9.76 4.02
N ALA B 146 14.84 -10.86 4.03
CA ALA B 146 14.22 -11.29 5.27
C ALA B 146 14.79 -12.63 5.63
N LEU B 147 15.46 -12.71 6.78
CA LEU B 147 16.05 -13.96 7.24
C LEU B 147 15.15 -14.56 8.30
N GLN B 148 14.98 -15.88 8.27
CA GLN B 148 14.12 -16.54 9.25
C GLN B 148 14.77 -17.81 9.78
N ALA B 149 14.46 -18.15 11.03
CA ALA B 149 14.93 -19.39 11.61
C ALA B 149 14.04 -19.70 12.79
N GLY B 150 13.92 -20.97 13.14
CA GLY B 150 13.07 -21.32 14.25
C GLY B 150 13.03 -22.81 14.50
N ARG B 151 12.20 -23.20 15.48
CA ARG B 151 12.05 -24.60 15.84
C ARG B 151 10.68 -24.78 16.46
N PHE B 152 9.98 -25.82 16.02
CA PHE B 152 8.71 -26.19 16.63
C PHE B 152 8.78 -27.59 17.18
N ASP B 153 8.43 -27.74 18.45
CA ASP B 153 8.53 -29.05 19.11
C ASP B 153 7.19 -29.70 19.45
N ALA B 154 6.09 -29.00 19.18
CA ALA B 154 4.77 -29.58 19.36
C ALA B 154 3.79 -28.95 18.37
N VAL B 155 2.72 -29.69 18.06
CA VAL B 155 1.71 -29.25 17.10
C VAL B 155 0.32 -29.61 17.62
N SER B 156 -0.65 -28.73 17.34
CA SER B 156 -2.03 -29.06 17.62
C SER B 156 -2.75 -29.09 16.28
N LEU B 157 -3.18 -30.28 15.88
CA LEU B 157 -3.84 -30.47 14.60
C LEU B 157 -5.10 -29.62 14.52
N ARG B 158 -5.52 -29.30 13.31
CA ARG B 158 -6.72 -28.47 13.13
C ARG B 158 -7.94 -29.05 13.84
N ASN B 159 -8.05 -30.38 13.88
CA ASN B 159 -9.22 -31.04 14.46
C ASN B 159 -8.93 -31.60 15.85
N SER B 160 -7.99 -30.96 16.55
CA SER B 160 -7.64 -31.37 17.91
C SER B 160 -7.53 -30.17 18.86
N ALA B 161 -7.84 -30.40 20.14
CA ALA B 161 -7.63 -29.39 21.15
C ALA B 161 -6.30 -29.54 21.85
N ASP B 162 -5.57 -30.61 21.51
CA ASP B 162 -4.37 -30.98 22.25
C ASP B 162 -3.10 -30.77 21.43
N MET B 163 -1.96 -30.73 22.14
CA MET B 163 -0.65 -30.67 21.49
C MET B 163 -0.06 -32.07 21.43
N GLN B 164 0.70 -32.34 20.38
CA GLN B 164 1.38 -33.63 20.23
C GLN B 164 2.72 -33.42 19.53
N ASP B 165 3.58 -34.43 19.58
CA ASP B 165 4.84 -34.38 18.84
C ASP B 165 4.54 -34.32 17.36
N LEU B 166 5.42 -33.65 16.61
CA LEU B 166 5.34 -33.60 15.16
C LEU B 166 5.65 -34.94 14.52
N SER B 167 5.16 -35.12 13.30
CA SER B 167 5.49 -36.28 12.48
C SER B 167 5.35 -35.88 11.03
N ALA B 168 5.67 -36.77 10.09
CA ALA B 168 5.54 -36.45 8.67
C ALA B 168 4.27 -37.05 8.08
N TRP B 169 3.70 -36.39 7.08
CA TRP B 169 2.54 -36.94 6.39
C TRP B 169 2.80 -38.33 5.84
N SER B 170 4.06 -38.60 5.49
CA SER B 170 4.40 -39.89 4.90
C SER B 170 4.40 -41.04 5.92
N ALA B 171 4.44 -40.69 7.20
CA ALA B 171 4.41 -41.68 8.28
C ALA B 171 3.91 -41.04 9.57
N PRO B 172 2.59 -40.78 9.64
CA PRO B 172 2.04 -39.90 10.68
C PRO B 172 2.20 -40.40 12.12
N THR B 173 2.38 -41.71 12.32
CA THR B 173 2.54 -42.21 13.69
C THR B 173 3.98 -42.20 14.17
N GLN B 174 4.92 -41.91 13.28
CA GLN B 174 6.33 -41.92 13.66
C GLN B 174 6.76 -40.54 14.12
N LYS B 175 6.88 -40.37 15.43
CA LYS B 175 7.08 -39.04 15.99
C LYS B 175 8.52 -38.54 15.93
N SER B 176 8.65 -37.21 15.90
CA SER B 176 9.93 -36.52 15.88
C SER B 176 10.02 -35.60 17.10
N ASP B 177 11.24 -35.32 17.54
CA ASP B 177 11.46 -34.39 18.64
C ASP B 177 11.23 -32.93 18.25
N GLY B 178 11.23 -32.64 16.95
CA GLY B 178 10.94 -31.29 16.53
C GLY B 178 11.32 -30.97 15.11
N PHE B 179 10.87 -29.81 14.64
CA PHE B 179 11.16 -29.35 13.29
C PHE B 179 11.99 -28.08 13.40
N ASN B 180 13.19 -28.08 12.81
CA ASN B 180 14.06 -26.91 12.77
C ASN B 180 14.10 -26.33 11.36
N TYR B 181 14.21 -25.02 11.22
CA TYR B 181 14.32 -24.45 9.88
C TYR B 181 15.15 -23.17 9.88
N ALA B 182 15.66 -22.82 8.71
CA ALA B 182 16.26 -21.52 8.48
C ALA B 182 16.06 -21.19 7.01
N GLY B 183 15.88 -19.92 6.71
CA GLY B 183 15.71 -19.54 5.33
C GLY B 183 15.89 -18.05 5.08
N ALA B 184 15.93 -17.69 3.81
CA ALA B 184 16.10 -16.29 3.41
C ALA B 184 15.24 -16.02 2.20
N GLU B 185 14.67 -14.82 2.17
CA GLU B 185 13.94 -14.35 1.01
C GLU B 185 14.45 -12.98 0.65
N TYR B 186 14.72 -12.78 -0.63
CA TYR B 186 15.22 -11.50 -1.11
C TYR B 186 14.25 -10.98 -2.16
N ARG B 187 13.67 -9.82 -1.89
CA ARG B 187 12.69 -9.20 -2.78
C ARG B 187 13.31 -7.96 -3.38
N PHE B 188 13.18 -7.83 -4.70
CA PHE B 188 13.88 -6.79 -5.43
C PHE B 188 13.14 -6.46 -6.71
N ASN B 189 13.76 -5.63 -7.55
CA ASN B 189 13.21 -5.30 -8.86
C ASN B 189 11.84 -4.64 -8.73
N ARG B 190 11.80 -3.53 -7.98
CA ARG B 190 10.55 -2.82 -7.75
C ARG B 190 9.48 -3.73 -7.15
N GLU B 191 9.92 -4.65 -6.29
CA GLU B 191 9.05 -5.59 -5.60
C GLU B 191 8.43 -6.65 -6.51
N ARG B 192 8.85 -6.70 -7.77
CA ARG B 192 8.29 -7.65 -8.74
C ARG B 192 8.79 -9.08 -8.58
N THR B 193 9.98 -9.21 -7.99
CA THR B 193 10.71 -10.48 -8.04
C THR B 193 11.19 -10.87 -6.66
N GLN B 194 11.14 -12.16 -6.34
CA GLN B 194 11.67 -12.60 -5.07
C GLN B 194 12.33 -13.96 -5.23
N LEU B 195 13.48 -14.11 -4.60
CA LEU B 195 14.21 -15.38 -4.53
C LEU B 195 14.15 -15.89 -3.11
N GLY B 196 13.99 -17.20 -2.96
CA GLY B 196 13.97 -17.77 -1.62
C GLY B 196 14.77 -19.05 -1.56
N LEU B 197 15.46 -19.24 -0.44
CA LEU B 197 16.21 -20.46 -0.15
C LEU B 197 15.89 -20.88 1.27
N TRP B 198 15.46 -22.13 1.45
CA TRP B 198 15.00 -22.60 2.74
C TRP B 198 15.49 -24.00 3.02
N HIS B 199 15.74 -24.28 4.30
CA HIS B 199 16.22 -25.60 4.72
C HIS B 199 15.51 -25.98 6.00
N GLY B 200 14.99 -27.21 6.05
CA GLY B 200 14.26 -27.65 7.22
C GLY B 200 14.66 -29.05 7.62
N GLN B 201 14.39 -29.39 8.88
CA GLN B 201 14.71 -30.71 9.37
C GLN B 201 13.63 -31.14 10.34
N LEU B 202 12.90 -32.20 9.99
CA LEU B 202 12.04 -32.88 10.94
C LEU B 202 12.91 -33.96 11.57
N GLU B 203 13.40 -33.70 12.79
CA GLU B 203 14.45 -34.52 13.40
C GLU B 203 14.14 -36.01 13.35
N ASP B 204 15.10 -36.78 12.82
CA ASP B 204 14.97 -38.24 12.71
C ASP B 204 13.93 -38.73 11.71
N VAL B 205 13.43 -37.83 10.87
CA VAL B 205 12.53 -38.24 9.81
C VAL B 205 13.03 -37.78 8.45
N TYR B 206 13.07 -36.47 8.21
CA TYR B 206 13.54 -35.97 6.93
C TYR B 206 14.21 -34.61 7.02
N ARG B 207 15.04 -34.30 6.03
CA ARG B 207 15.52 -32.94 5.80
C ARG B 207 15.04 -32.50 4.44
N GLN B 208 14.77 -31.20 4.29
CA GLN B 208 14.24 -30.69 3.04
C GLN B 208 14.92 -29.37 2.71
N SER B 209 15.35 -29.23 1.45
CA SER B 209 15.84 -27.95 0.95
C SER B 209 14.91 -27.45 -0.16
N TYR B 210 14.78 -26.13 -0.29
CA TYR B 210 13.81 -25.56 -1.21
C TYR B 210 14.34 -24.28 -1.79
N ALA B 211 14.16 -24.13 -3.09
CA ALA B 211 14.49 -22.88 -3.79
C ALA B 211 13.26 -22.38 -4.51
N ASN B 212 13.08 -21.07 -4.54
CA ASN B 212 11.84 -20.49 -5.06
C ASN B 212 12.15 -19.22 -5.83
N LEU B 213 11.52 -19.04 -6.98
CA LEU B 213 11.55 -17.77 -7.71
C LEU B 213 10.12 -17.33 -7.95
N LEU B 214 9.80 -16.12 -7.51
CA LEU B 214 8.50 -15.50 -7.78
C LEU B 214 8.73 -14.29 -8.66
N HIS B 215 7.93 -14.15 -9.72
CA HIS B 215 8.00 -12.93 -10.50
C HIS B 215 6.61 -12.56 -11.02
N LYS B 216 6.29 -11.27 -10.98
CA LYS B 216 5.02 -10.81 -11.53
C LYS B 216 5.18 -9.41 -12.07
N GLN B 217 4.62 -9.19 -13.26
CA GLN B 217 4.82 -7.93 -13.98
C GLN B 217 3.69 -7.70 -14.97
N ARG B 218 3.24 -6.45 -15.04
CA ARG B 218 2.24 -6.05 -16.03
C ARG B 218 2.93 -5.77 -17.35
N VAL B 219 2.52 -6.49 -18.40
CA VAL B 219 3.04 -6.28 -19.75
C VAL B 219 1.88 -6.03 -20.71
N GLY B 220 1.79 -4.81 -21.24
CA GLY B 220 0.62 -4.45 -22.03
C GLY B 220 -0.61 -4.55 -21.15
N ASP B 221 -1.64 -5.25 -21.63
CA ASP B 221 -2.88 -5.38 -20.88
C ASP B 221 -2.82 -6.54 -19.89
N TRP B 222 -1.76 -7.33 -19.95
CA TRP B 222 -1.71 -8.57 -19.17
C TRP B 222 -0.83 -8.47 -17.94
N THR B 223 -1.25 -9.11 -16.85
CA THR B 223 -0.37 -9.25 -15.70
C THR B 223 0.10 -10.69 -15.72
N LEU B 224 1.41 -10.88 -15.84
CA LEU B 224 1.96 -12.22 -16.01
C LEU B 224 2.78 -12.60 -14.80
N GLY B 225 2.56 -13.79 -14.26
CA GLY B 225 3.26 -14.20 -13.06
C GLY B 225 3.82 -15.60 -13.19
N ALA B 226 4.90 -15.86 -12.45
CA ALA B 226 5.49 -17.19 -12.38
C ALA B 226 5.88 -17.47 -10.95
N ASN B 227 5.63 -18.69 -10.51
CA ASN B 227 6.09 -19.17 -9.22
C ASN B 227 6.75 -20.49 -9.51
N LEU B 228 8.08 -20.52 -9.43
CA LEU B 228 8.86 -21.72 -9.73
C LEU B 228 9.45 -22.24 -8.43
N GLY B 229 9.37 -23.54 -8.20
CA GLY B 229 9.91 -24.09 -6.96
C GLY B 229 10.58 -25.43 -7.13
N LEU B 230 11.54 -25.71 -6.25
CA LEU B 230 12.23 -26.99 -6.25
C LEU B 230 12.42 -27.42 -4.81
N PHE B 231 11.94 -28.63 -4.46
CA PHE B 231 12.19 -29.22 -3.15
C PHE B 231 13.09 -30.43 -3.35
N VAL B 232 14.04 -30.61 -2.44
CA VAL B 232 14.86 -31.82 -2.42
C VAL B 232 14.83 -32.40 -1.02
N ASP B 233 14.40 -33.65 -0.90
CA ASP B 233 14.12 -34.28 0.38
C ASP B 233 15.01 -35.51 0.61
N ARG B 234 15.49 -35.67 1.83
CA ARG B 234 16.24 -36.87 2.17
C ARG B 234 15.88 -37.31 3.59
N ASP B 235 16.10 -38.58 3.92
CA ASP B 235 15.83 -38.99 5.29
C ASP B 235 16.84 -38.35 6.25
N ASP B 236 16.46 -38.25 7.52
CA ASP B 236 17.30 -37.62 8.55
C ASP B 236 17.47 -38.53 9.77
N GLY B 237 18.68 -38.54 10.34
CA GLY B 237 18.94 -39.27 11.57
C GLY B 237 18.47 -40.72 11.56
N ALA B 238 17.60 -41.06 12.50
CA ALA B 238 17.11 -42.43 12.61
C ALA B 238 16.24 -42.88 11.44
N ALA B 239 15.83 -41.94 10.61
CA ALA B 239 15.04 -42.25 9.42
C ALA B 239 13.78 -43.04 9.75
N ARG B 240 12.98 -42.50 10.66
CA ARG B 240 11.81 -43.22 11.17
C ARG B 240 10.69 -43.46 10.16
N ALA B 241 10.69 -42.70 9.06
CA ALA B 241 9.72 -42.90 7.99
C ALA B 241 10.36 -43.64 6.83
N GLY B 242 11.53 -44.23 7.10
CA GLY B 242 12.25 -45.00 6.10
C GLY B 242 13.14 -44.16 5.23
N GLU B 243 13.80 -44.79 4.27
CA GLU B 243 14.69 -44.08 3.35
C GLU B 243 13.89 -43.14 2.45
N ILE B 244 14.42 -41.94 2.28
CA ILE B 244 13.78 -40.92 1.45
C ILE B 244 14.83 -40.24 0.57
N ASP B 245 14.55 -40.14 -0.73
CA ASP B 245 15.46 -39.48 -1.66
C ASP B 245 14.67 -38.91 -2.83
N SER B 246 14.02 -37.76 -2.61
CA SER B 246 12.98 -37.25 -3.49
C SER B 246 13.35 -35.86 -3.98
N HIS B 247 12.78 -35.45 -5.11
CA HIS B 247 12.86 -34.05 -5.53
C HIS B 247 11.57 -33.72 -6.24
N THR B 248 11.08 -32.50 -6.05
CA THR B 248 9.79 -32.11 -6.64
C THR B 248 10.02 -30.73 -7.25
N VAL B 249 9.68 -30.60 -8.52
CA VAL B 249 9.81 -29.31 -9.19
C VAL B 249 8.43 -28.88 -9.67
N TYR B 250 8.12 -27.59 -9.56
CA TYR B 250 6.83 -27.13 -10.08
C TYR B 250 7.02 -25.75 -10.69
N GLY B 251 6.12 -25.40 -11.59
CA GLY B 251 6.02 -24.05 -12.08
C GLY B 251 4.55 -23.75 -12.17
N LEU B 252 4.11 -22.65 -11.55
CA LEU B 252 2.72 -22.25 -11.65
C LEU B 252 2.72 -20.87 -12.29
N PHE B 253 2.04 -20.75 -13.42
CA PHE B 253 2.10 -19.53 -14.22
C PHE B 253 0.72 -18.89 -14.26
N SER B 254 0.66 -17.58 -14.19
CA SER B 254 -0.62 -16.88 -14.20
C SER B 254 -0.64 -15.81 -15.28
N ALA B 255 -1.81 -15.62 -15.87
CA ALA B 255 -1.97 -14.55 -16.84
C ALA B 255 -3.31 -13.89 -16.56
N GLY B 256 -3.27 -12.63 -16.14
CA GLY B 256 -4.48 -11.92 -15.80
C GLY B 256 -4.74 -10.81 -16.78
N ILE B 257 -6.01 -10.62 -17.11
CA ILE B 257 -6.38 -9.47 -17.91
C ILE B 257 -7.75 -9.01 -17.46
N GLY B 258 -7.86 -7.73 -17.09
CA GLY B 258 -9.13 -7.23 -16.58
C GLY B 258 -9.59 -8.07 -15.40
N LEU B 259 -10.82 -8.59 -15.51
CA LEU B 259 -11.44 -9.33 -14.41
C LEU B 259 -11.17 -10.84 -14.47
N HIS B 260 -10.34 -11.26 -15.42
CA HIS B 260 -10.08 -12.69 -15.67
C HIS B 260 -8.67 -13.08 -15.26
N THR B 261 -8.51 -14.24 -14.66
CA THR B 261 -7.15 -14.76 -14.44
C THR B 261 -7.10 -16.22 -14.86
N PHE B 262 -6.06 -16.58 -15.62
CA PHE B 262 -5.84 -17.94 -16.09
C PHE B 262 -4.56 -18.47 -15.46
N TYR B 263 -4.53 -19.75 -15.11
CA TYR B 263 -3.29 -20.34 -14.58
C TYR B 263 -2.99 -21.66 -15.27
N LEU B 264 -1.71 -21.95 -15.44
CA LEU B 264 -1.25 -23.27 -15.86
C LEU B 264 -0.19 -23.72 -14.87
N GLY B 265 -0.36 -24.91 -14.30
CA GLY B 265 0.66 -25.45 -13.40
C GLY B 265 1.24 -26.73 -13.97
N LEU B 266 2.55 -26.91 -13.84
CA LEU B 266 3.24 -28.12 -14.28
C LEU B 266 4.12 -28.58 -13.13
N GLN B 267 4.11 -29.88 -12.85
CA GLN B 267 4.83 -30.35 -11.66
C GLN B 267 5.30 -31.78 -11.85
N LYS B 268 6.45 -32.13 -11.25
CA LYS B 268 6.92 -33.51 -11.31
C LYS B 268 7.69 -33.87 -10.05
N VAL B 269 7.33 -35.01 -9.47
CA VAL B 269 8.05 -35.58 -8.33
C VAL B 269 8.93 -36.70 -8.87
N GLY B 270 10.17 -36.77 -8.40
CA GLY B 270 11.07 -37.82 -8.83
C GLY B 270 11.90 -38.39 -7.69
N GLY B 271 12.51 -39.54 -7.92
CA GLY B 271 13.30 -40.18 -6.88
C GLY B 271 12.56 -41.33 -6.24
N ASP B 272 12.99 -41.75 -5.06
CA ASP B 272 12.45 -42.99 -4.45
C ASP B 272 11.14 -42.82 -3.67
N SER B 273 10.93 -41.61 -3.15
CA SER B 273 9.77 -41.34 -2.30
C SER B 273 9.01 -40.12 -2.82
N GLY B 274 7.96 -39.76 -2.12
CA GLY B 274 7.19 -38.57 -2.48
C GLY B 274 7.73 -37.31 -1.81
N TRP B 275 6.99 -36.22 -1.96
CA TRP B 275 7.35 -34.95 -1.36
C TRP B 275 7.01 -34.95 0.12
N GLN B 276 7.93 -34.42 0.93
CA GLN B 276 7.77 -34.48 2.39
C GLN B 276 7.19 -33.21 2.97
N SER B 277 6.44 -33.39 4.06
CA SER B 277 5.88 -32.27 4.82
C SER B 277 5.39 -32.76 6.17
N VAL B 278 5.15 -31.80 7.07
CA VAL B 278 4.74 -32.12 8.44
C VAL B 278 3.27 -32.53 8.49
N TYR B 279 3.00 -33.64 9.18
CA TYR B 279 1.63 -34.16 9.30
C TYR B 279 0.66 -33.09 9.82
N GLY B 280 -0.46 -32.97 9.12
CA GLY B 280 -1.47 -31.99 9.46
C GLY B 280 -1.28 -30.64 8.82
N SER B 281 -0.10 -30.38 8.27
CA SER B 281 0.17 -29.11 7.60
C SER B 281 -0.52 -29.05 6.25
N SER B 282 -0.62 -27.84 5.72
CA SER B 282 -1.18 -27.61 4.40
C SER B 282 -0.15 -27.85 3.31
N GLY B 283 -0.62 -28.33 2.17
CA GLY B 283 0.23 -28.51 0.99
C GLY B 283 0.36 -27.30 0.08
N ARG B 284 0.01 -26.11 0.57
CA ARG B 284 -0.13 -24.93 -0.31
C ARG B 284 1.17 -24.30 -0.84
N SER B 285 2.33 -24.78 -0.40
CA SER B 285 3.56 -24.35 -1.04
C SER B 285 3.72 -24.96 -2.42
N MET B 286 3.01 -26.07 -2.65
CA MET B 286 3.21 -26.85 -3.87
C MET B 286 2.39 -26.23 -5.02
N GLY B 287 3.00 -26.15 -6.20
CA GLY B 287 2.36 -25.46 -7.31
C GLY B 287 0.98 -25.98 -7.65
N ASN B 288 0.82 -27.29 -7.67
CA ASN B 288 -0.47 -27.88 -8.02
C ASN B 288 -1.34 -28.25 -6.83
N ASP B 289 -1.19 -27.53 -5.72
CA ASP B 289 -2.06 -27.77 -4.57
C ASP B 289 -3.52 -27.44 -4.92
N MET B 290 -4.42 -28.31 -4.49
CA MET B 290 -5.84 -28.11 -4.65
C MET B 290 -6.52 -28.42 -3.31
N PHE B 291 -7.86 -28.42 -3.26
CA PHE B 291 -8.52 -28.59 -1.97
C PHE B 291 -8.15 -29.89 -1.27
N ASN B 292 -8.06 -30.99 -2.02
CA ASN B 292 -7.93 -32.31 -1.40
C ASN B 292 -6.65 -33.07 -1.74
N GLY B 293 -5.65 -32.36 -2.23
CA GLY B 293 -4.38 -33.00 -2.52
C GLY B 293 -3.52 -32.09 -3.35
N ASN B 294 -2.25 -32.45 -3.49
CA ASN B 294 -1.35 -31.66 -4.31
C ASN B 294 -0.48 -32.47 -5.26
N PHE B 295 -0.92 -33.71 -5.57
CA PHE B 295 -0.27 -34.52 -6.60
C PHE B 295 1.22 -34.79 -6.32
N THR B 296 1.54 -35.18 -5.08
CA THR B 296 2.94 -35.35 -4.70
C THR B 296 3.31 -36.78 -4.33
N ASN B 297 2.58 -37.75 -4.88
CA ASN B 297 3.00 -39.13 -4.74
C ASN B 297 4.32 -39.34 -5.46
N ALA B 298 5.10 -40.31 -5.01
CA ALA B 298 6.32 -40.67 -5.72
C ALA B 298 6.10 -40.78 -7.22
N ASP B 299 7.04 -40.22 -7.97
CA ASP B 299 7.08 -40.30 -9.43
C ASP B 299 5.99 -39.51 -10.15
N GLU B 300 5.10 -38.86 -9.40
CA GLU B 300 3.90 -38.31 -10.02
C GLU B 300 4.19 -37.07 -10.87
N ARG B 301 3.64 -37.06 -12.08
CA ARG B 301 3.69 -35.90 -12.95
C ARG B 301 2.29 -35.31 -12.98
N SER B 302 2.17 -33.99 -12.96
CA SER B 302 0.84 -33.40 -12.94
C SER B 302 0.76 -32.08 -13.68
N TRP B 303 -0.45 -31.79 -14.14
CA TRP B 303 -0.73 -30.47 -14.72
C TRP B 303 -2.04 -29.93 -14.19
N GLN B 304 -2.20 -28.61 -14.22
CA GLN B 304 -3.39 -27.97 -13.72
C GLN B 304 -3.76 -26.79 -14.61
N VAL B 305 -5.05 -26.61 -14.84
CA VAL B 305 -5.56 -25.39 -15.48
C VAL B 305 -6.56 -24.77 -14.52
N ARG B 306 -6.58 -23.43 -14.46
CA ARG B 306 -7.45 -22.74 -13.51
C ARG B 306 -7.93 -21.46 -14.16
N TYR B 307 -9.18 -21.09 -13.84
CA TYR B 307 -9.75 -19.83 -14.28
C TYR B 307 -10.46 -19.16 -13.11
N ASP B 308 -10.17 -17.89 -12.89
CA ASP B 308 -10.84 -17.08 -11.89
C ASP B 308 -11.55 -15.92 -12.56
N TYR B 309 -12.71 -15.55 -12.04
CA TYR B 309 -13.45 -14.40 -12.55
C TYR B 309 -14.02 -13.56 -11.41
N ASP B 310 -13.91 -12.24 -11.57
CA ASP B 310 -14.50 -11.30 -10.64
C ASP B 310 -15.86 -10.86 -11.19
N PHE B 311 -16.94 -11.30 -10.55
CA PHE B 311 -18.30 -11.07 -11.04
C PHE B 311 -18.80 -9.64 -10.94
N VAL B 312 -17.95 -8.70 -10.51
CA VAL B 312 -18.32 -7.31 -10.61
C VAL B 312 -18.65 -6.98 -12.07
N GLY B 313 -18.06 -7.75 -12.99
CA GLY B 313 -18.31 -7.55 -14.42
C GLY B 313 -19.73 -7.87 -14.83
N LEU B 314 -20.43 -8.64 -14.00
CA LEU B 314 -21.83 -8.97 -14.27
C LEU B 314 -22.76 -8.26 -13.29
N GLY B 315 -22.22 -7.25 -12.60
CA GLY B 315 -23.02 -6.44 -11.69
C GLY B 315 -23.16 -7.01 -10.29
N TRP B 316 -22.27 -7.95 -9.95
CA TRP B 316 -22.29 -8.61 -8.64
C TRP B 316 -20.98 -8.33 -7.88
N PRO B 317 -20.73 -7.06 -7.53
CA PRO B 317 -19.49 -6.76 -6.80
C PRO B 317 -19.43 -7.56 -5.50
N GLY B 318 -18.27 -8.13 -5.21
CA GLY B 318 -18.09 -8.96 -4.03
C GLY B 318 -18.17 -10.45 -4.31
N LEU B 319 -18.69 -10.81 -5.48
CA LEU B 319 -18.76 -12.23 -5.85
C LEU B 319 -17.57 -12.58 -6.73
N ILE B 320 -16.82 -13.60 -6.33
CA ILE B 320 -15.70 -14.10 -7.14
C ILE B 320 -15.84 -15.60 -7.34
N GLY B 321 -15.37 -16.08 -8.49
CA GLY B 321 -15.46 -17.50 -8.79
C GLY B 321 -14.12 -18.09 -9.17
N MET B 322 -13.93 -19.37 -8.89
CA MET B 322 -12.77 -20.11 -9.36
C MET B 322 -13.19 -21.48 -9.83
N VAL B 323 -12.64 -21.93 -10.97
CA VAL B 323 -12.72 -23.33 -11.35
CA VAL B 323 -12.73 -23.33 -11.37
C VAL B 323 -11.33 -23.83 -11.71
N ARG B 324 -10.99 -25.03 -11.25
CA ARG B 324 -9.68 -25.56 -11.61
C ARG B 324 -9.74 -27.06 -11.75
N TYR B 325 -8.86 -27.58 -12.58
CA TYR B 325 -8.78 -29.01 -12.85
C TYR B 325 -7.33 -29.42 -12.86
N GLY B 326 -7.00 -30.47 -12.12
CA GLY B 326 -5.64 -30.99 -12.07
C GLY B 326 -5.66 -32.47 -12.36
N HIS B 327 -4.64 -32.94 -13.08
CA HIS B 327 -4.53 -34.35 -13.42
C HIS B 327 -3.12 -34.83 -13.12
N GLY B 328 -3.02 -36.00 -12.52
CA GLY B 328 -1.72 -36.58 -12.21
C GLY B 328 -1.59 -37.95 -12.83
N SER B 329 -0.36 -38.32 -13.17
CA SER B 329 -0.12 -39.65 -13.74
C SER B 329 1.23 -40.14 -13.26
N ASN B 330 1.54 -41.39 -13.59
CA ASN B 330 2.82 -41.98 -13.21
C ASN B 330 3.01 -42.15 -11.70
N ALA B 331 1.92 -42.16 -10.94
CA ALA B 331 2.03 -42.19 -9.48
C ALA B 331 2.43 -43.56 -8.93
N THR B 332 3.47 -43.59 -8.11
CA THR B 332 3.86 -44.80 -7.39
C THR B 332 3.33 -44.72 -5.97
N THR B 333 2.50 -45.68 -5.58
CA THR B 333 1.87 -45.65 -4.26
C THR B 333 1.81 -47.07 -3.71
N LYS B 334 1.22 -47.22 -2.54
CA LYS B 334 1.05 -48.54 -1.96
C LYS B 334 0.12 -49.41 -2.83
N ALA B 335 -0.59 -48.75 -3.75
CA ALA B 335 -1.49 -49.47 -4.65
C ALA B 335 -0.78 -50.00 -5.90
N GLY B 336 0.40 -49.47 -6.19
CA GLY B 336 1.19 -49.94 -7.31
C GLY B 336 1.88 -48.81 -8.05
N SER B 337 2.22 -49.04 -9.31
CA SER B 337 2.83 -48.01 -10.13
C SER B 337 1.89 -47.56 -11.24
N GLY B 338 2.22 -46.45 -11.87
CA GLY B 338 1.43 -45.92 -12.97
C GLY B 338 0.06 -45.42 -12.57
N GLY B 339 -0.09 -45.02 -11.32
CA GLY B 339 -1.36 -44.48 -10.84
C GLY B 339 -1.74 -43.16 -11.48
N LYS B 340 -3.04 -42.95 -11.63
CA LYS B 340 -3.57 -41.71 -12.21
C LYS B 340 -4.61 -41.11 -11.28
N GLU B 341 -4.75 -39.79 -11.29
CA GLU B 341 -5.79 -39.16 -10.50
C GLU B 341 -6.19 -37.84 -11.13
N TRP B 342 -7.38 -37.36 -10.76
CA TRP B 342 -7.71 -35.97 -11.06
C TRP B 342 -8.54 -35.37 -9.96
N GLU B 343 -8.53 -34.04 -9.90
CA GLU B 343 -9.36 -33.27 -8.98
C GLU B 343 -9.93 -32.08 -9.73
N ARG B 344 -11.22 -31.83 -9.56
CA ARG B 344 -11.83 -30.60 -10.04
C ARG B 344 -12.40 -29.85 -8.86
N ASP B 345 -12.02 -28.58 -8.70
CA ASP B 345 -12.57 -27.73 -7.64
C ASP B 345 -13.33 -26.57 -8.26
N VAL B 346 -14.49 -26.24 -7.69
CA VAL B 346 -15.24 -25.06 -8.11
C VAL B 346 -15.60 -24.29 -6.85
N GLU B 347 -15.45 -22.96 -6.88
CA GLU B 347 -15.78 -22.15 -5.72
C GLU B 347 -16.44 -20.84 -6.14
N LEU B 348 -17.49 -20.49 -5.41
CA LEU B 348 -18.06 -19.16 -5.48
C LEU B 348 -17.92 -18.56 -4.10
N GLY B 349 -17.34 -17.36 -4.02
CA GLY B 349 -17.21 -16.69 -2.72
C GLY B 349 -17.83 -15.32 -2.78
N TYR B 350 -18.67 -14.99 -1.81
CA TYR B 350 -19.31 -13.68 -1.81
C TYR B 350 -18.99 -12.93 -0.53
N THR B 351 -18.51 -11.70 -0.69
CA THR B 351 -18.26 -10.83 0.45
C THR B 351 -19.21 -9.65 0.39
N VAL B 352 -19.99 -9.48 1.43
CA VAL B 352 -20.89 -8.32 1.53
C VAL B 352 -20.06 -7.04 1.54
N GLN B 353 -20.43 -6.09 0.69
CA GLN B 353 -19.59 -4.92 0.42
C GLN B 353 -19.92 -3.72 1.30
N SER B 354 -21.18 -3.61 1.70
CA SER B 354 -21.61 -2.49 2.53
C SER B 354 -22.84 -2.89 3.36
N GLY B 355 -23.29 -1.98 4.21
CA GLY B 355 -24.46 -2.24 5.02
C GLY B 355 -24.12 -2.91 6.33
N PRO B 356 -25.15 -3.35 7.07
CA PRO B 356 -24.99 -3.97 8.39
C PRO B 356 -24.15 -5.25 8.33
N LEU B 357 -24.26 -5.99 7.24
CA LEU B 357 -23.53 -7.26 7.13
C LEU B 357 -22.22 -7.12 6.38
N ALA B 358 -21.74 -5.89 6.23
CA ALA B 358 -20.44 -5.67 5.58
C ALA B 358 -19.37 -6.60 6.14
N ARG B 359 -18.61 -7.20 5.22
CA ARG B 359 -17.49 -8.10 5.53
C ARG B 359 -17.91 -9.56 5.71
N LEU B 360 -19.21 -9.80 5.81
CA LEU B 360 -19.69 -11.18 5.89
C LEU B 360 -19.26 -11.90 4.63
N ASN B 361 -18.72 -13.11 4.78
CA ASN B 361 -18.24 -13.87 3.64
C ASN B 361 -18.90 -15.23 3.58
N VAL B 362 -19.40 -15.57 2.41
CA VAL B 362 -20.03 -16.87 2.21
C VAL B 362 -19.29 -17.58 1.09
N ARG B 363 -18.69 -18.72 1.40
CA ARG B 363 -18.01 -19.51 0.38
C ARG B 363 -18.71 -20.83 0.15
N LEU B 364 -19.03 -21.13 -1.10
CA LEU B 364 -19.63 -22.41 -1.44
C LEU B 364 -18.65 -23.11 -2.37
N ASN B 365 -18.22 -24.31 -2.04
CA ASN B 365 -17.33 -24.98 -2.99
C ASN B 365 -17.62 -26.46 -3.14
N HIS B 366 -17.13 -27.00 -4.24
CA HIS B 366 -17.34 -28.40 -4.55
C HIS B 366 -16.05 -28.95 -5.11
N ALA B 367 -15.72 -30.18 -4.70
CA ALA B 367 -14.58 -30.86 -5.26
C ALA B 367 -14.98 -32.26 -5.67
N SER B 368 -14.42 -32.71 -6.79
CA SER B 368 -14.52 -34.12 -7.18
C SER B 368 -13.10 -34.65 -7.28
N ASN B 369 -12.86 -35.78 -6.62
CA ASN B 369 -11.57 -36.45 -6.65
C ASN B 369 -11.71 -37.87 -7.16
N ARG B 370 -10.91 -38.22 -8.16
CA ARG B 370 -10.88 -39.58 -8.67
C ARG B 370 -9.44 -40.06 -8.62
N ARG B 371 -9.22 -41.24 -8.07
CA ARG B 371 -7.88 -41.81 -7.96
C ARG B 371 -7.90 -43.28 -8.33
N SER B 372 -7.02 -43.69 -9.23
CA SER B 372 -6.99 -45.09 -9.65
C SER B 372 -6.46 -45.96 -8.51
N PHE B 373 -5.81 -45.31 -7.55
CA PHE B 373 -5.07 -45.99 -6.48
C PHE B 373 -5.65 -45.72 -5.09
N ASN B 374 -6.80 -45.06 -5.03
CA ASN B 374 -7.43 -44.80 -3.74
C ASN B 374 -8.90 -44.47 -3.94
N SER B 375 -9.60 -44.13 -2.86
CA SER B 375 -11.05 -43.99 -2.92
C SER B 375 -11.45 -42.72 -3.67
N ASP B 376 -12.51 -42.82 -4.46
CA ASP B 376 -13.05 -41.66 -5.18
C ASP B 376 -14.15 -41.01 -4.34
N PHE B 377 -14.27 -39.69 -4.44
CA PHE B 377 -15.30 -39.01 -3.67
C PHE B 377 -15.63 -37.62 -4.22
N ASP B 378 -16.81 -37.12 -3.84
CA ASP B 378 -17.21 -35.74 -4.10
C ASP B 378 -17.38 -35.04 -2.77
N GLN B 379 -17.17 -33.72 -2.74
CA GLN B 379 -17.19 -33.01 -1.48
C GLN B 379 -17.81 -31.63 -1.69
N THR B 380 -18.69 -31.24 -0.78
CA THR B 380 -19.35 -29.95 -0.84
C THR B 380 -19.11 -29.26 0.49
N ARG B 381 -18.78 -27.97 0.44
CA ARG B 381 -18.59 -27.21 1.67
C ARG B 381 -19.27 -25.87 1.55
N LEU B 382 -19.83 -25.41 2.66
CA LEU B 382 -20.38 -24.08 2.74
C LEU B 382 -19.83 -23.48 4.00
N VAL B 383 -19.13 -22.35 3.87
CA VAL B 383 -18.51 -21.72 5.02
C VAL B 383 -18.96 -20.26 5.10
N VAL B 384 -19.62 -19.90 6.19
CA VAL B 384 -20.04 -18.52 6.41
C VAL B 384 -19.18 -17.93 7.51
N SER B 385 -18.46 -16.86 7.20
CA SER B 385 -17.49 -16.28 8.12
C SER B 385 -17.83 -14.82 8.36
N TYR B 386 -17.76 -14.38 9.61
CA TYR B 386 -17.95 -12.97 9.91
C TYR B 386 -16.82 -12.49 10.80
N PRO B 387 -16.08 -11.47 10.34
CA PRO B 387 -14.96 -10.95 11.12
C PRO B 387 -15.36 -9.71 11.92
N LEU B 388 -14.94 -9.68 13.18
CA LEU B 388 -15.13 -8.52 14.04
C LEU B 388 -13.75 -8.05 14.48
N SER B 389 -13.56 -6.75 14.59
CA SER B 389 -12.27 -6.22 15.01
C SER B 389 -12.46 -4.99 15.86
N TRP B 390 -11.66 -4.88 16.92
CA TRP B 390 -11.69 -3.71 17.78
C TRP B 390 -10.37 -3.55 18.53
C1 EDO C . -0.45 28.58 -2.43
O1 EDO C . 0.23 29.73 -2.94
C2 EDO C . -1.07 27.81 -3.60
O2 EDO C . -1.92 26.78 -3.09
C1 C8E D . 20.33 26.40 -15.36
C2 C8E D . 19.19 27.19 -15.99
C3 C8E D . 17.88 26.40 -15.93
C4 C8E D . 17.85 25.38 -17.06
C5 C8E D . 17.15 24.10 -16.59
C6 C8E D . 16.41 23.45 -17.75
C7 C8E D . 17.34 23.22 -18.94
C8 C8E D . 16.68 22.29 -19.95
O9 C8E D . 15.28 22.40 -19.86
C1 C8E E . 4.12 28.37 -27.34
C2 C8E E . 3.09 28.31 -26.22
C3 C8E E . 1.77 27.74 -26.70
C4 C8E E . 1.92 26.76 -27.86
C5 C8E E . 0.57 26.43 -28.48
C6 C8E E . 0.02 25.10 -27.95
C7 C8E E . -1.46 25.21 -27.61
C1 C8E F . -8.64 19.07 -23.95
C2 C8E F . -8.58 20.56 -24.27
C3 C8E F . -7.14 21.06 -24.37
C4 C8E F . -7.00 22.11 -25.46
C5 C8E F . -6.19 23.30 -24.97
C6 C8E F . -5.27 23.82 -26.07
C11 C8E G . -7.70 35.17 -31.19
O12 C8E G . -7.83 34.34 -30.06
C13 C8E G . -7.96 32.98 -30.40
C14 C8E G . -9.19 32.40 -29.72
O15 C8E G . -8.85 31.15 -29.15
C16 C8E G . -9.82 30.16 -29.38
C17 C8E G . -11.10 30.50 -28.62
O18 C8E G . -11.86 29.32 -28.43
C19 C8E G . -11.24 28.42 -27.54
C1 C8E H . -17.28 16.71 -18.15
C2 C8E H . -16.77 17.94 -18.89
C3 C8E H . -17.74 19.10 -18.74
C4 C8E H . -17.03 20.44 -18.95
C5 C8E H . -17.79 21.32 -19.93
C6 C8E H . -17.08 22.66 -20.11
C7 C8E H . -17.62 23.72 -19.16
C8 C8E H . -16.51 24.63 -18.65
O9 C8E H . -15.59 24.92 -19.68
C10 C8E H . -15.15 26.26 -19.64
C11 C8E H . -14.06 26.48 -20.68
O12 C8E H . -13.43 27.72 -20.49
C13 C8E H . -12.61 28.06 -21.59
C14 C8E H . -11.22 28.48 -21.15
C2 C8E I . -16.07 24.01 -15.32
C3 C8E I . -17.28 23.10 -15.20
C4 C8E I . -16.86 21.67 -14.87
C5 C8E I . -18.05 20.73 -14.95
C6 C8E I . -18.29 20.02 -13.63
C7 C8E I . -19.68 19.41 -13.55
O12 C8E I . -22.25 28.94 1.18
C13 C8E I . -21.97 28.38 -0.09
C14 C8E I . -23.03 27.36 -0.44
O15 C8E I . -22.40 26.26 -1.06
C16 C8E I . -22.96 25.95 -2.31
C17 C8E I . -22.44 24.58 -2.75
O18 C8E I . -22.98 23.55 -1.95
C19 C8E I . -23.71 22.63 -2.72
C20 C8E I . -22.96 21.30 -2.74
O21 C8E I . -23.69 20.32 -2.02
C17 C8E J . -19.81 31.51 4.70
O18 C8E J . -19.57 30.77 3.51
C19 C8E J . -19.08 31.58 2.47
C20 C8E J . -17.82 30.94 1.88
O21 C8E J . -17.52 29.78 2.63
C2 C8E K . -10.63 29.35 14.25
C3 C8E K . -9.33 28.86 14.89
C4 C8E K . -9.29 27.33 14.92
C5 C8E K . -8.63 26.81 16.18
C6 C8E K . -9.25 25.49 16.65
C7 C8E K . -8.19 24.59 17.26
C8 C8E K . -8.82 23.54 18.18
O9 C8E K . -9.85 22.85 17.52
C10 C8E K . -9.51 21.51 17.22
O15 C8E L . -14.85 28.64 14.61
C16 C8E L . -13.77 28.62 15.51
C17 C8E L . -14.24 28.10 16.86
O18 C8E L . -14.50 26.72 16.76
C19 C8E L . -13.36 25.95 17.06
C20 C8E L . -13.75 24.84 18.03
O21 C8E L . -12.97 24.93 19.20
O12 C8E M . 22.15 30.57 0.57
C13 C8E M . 23.10 30.54 1.63
C14 C8E M . 23.26 29.10 2.12
O15 C8E M . 23.37 29.07 3.52
C16 C8E M . 24.45 28.26 3.95
C17 C8E M . 24.18 26.80 3.59
O18 C8E M . 25.28 26.01 3.98
C19 C8E M . 25.21 25.62 5.33
C20 C8E M . 25.26 24.10 5.43
C16 C8E N . 19.25 20.45 -18.86
C17 C8E N . 19.78 19.37 -19.79
O18 C8E N . 20.79 18.66 -19.12
C19 C8E N . 20.31 18.04 -17.95
C20 C8E N . 20.80 16.60 -17.91
O21 C8E N . 21.29 16.31 -16.62
C13 C8E O . 19.81 25.41 7.85
C14 C8E O . 20.42 24.39 6.90
O15 C8E O . 21.07 25.07 5.84
C16 C8E O . 20.78 24.53 4.58
C17 C8E O . 21.80 23.44 4.24
O18 C8E O . 21.15 22.36 3.63
C19 C8E O . 20.91 22.53 2.25
C20 C8E O . 21.06 21.19 1.56
O21 C8E O . 21.76 20.29 2.39
C1 C8E P . -13.77 21.65 -23.25
C2 C8E P . -12.80 20.55 -22.83
C3 C8E P . -13.37 19.16 -23.06
C4 C8E P . -12.81 18.52 -24.32
C5 C8E P . -11.63 17.61 -24.01
C6 C8E P . -11.95 16.12 -24.21
C7 C8E P . -10.65 15.38 -24.51
C8 C8E P . -10.57 14.05 -23.76
O9 C8E P . -9.63 13.22 -24.39
C7 C8E Q . 13.31 21.62 -21.92
C8 C8E Q . 12.14 20.91 -22.57
O9 C8E Q . 11.93 19.64 -22.00
C10 C8E Q . 12.54 18.62 -22.76
C11 C8E Q . 11.97 17.27 -22.36
O12 C8E Q . 10.67 17.13 -22.91
C13 C8E Q . 10.49 15.92 -23.61
C14 C8E Q . 9.33 16.05 -24.61
O15 C8E Q . 8.29 15.16 -24.24
C16 C8E Q . 7.74 14.42 -25.31
C17 C8E Q . 6.22 14.39 -25.21
O18 C8E Q . 5.66 13.23 -25.82
C19 C8E Q . 5.45 12.16 -24.92
C20 C8E Q . 4.18 12.38 -24.10
O21 C8E Q . 3.38 11.21 -24.02
C1 VNL R . 2.04 32.56 7.26
CO1 VNL R . 1.29 33.67 6.89
CO2 VNL R . 1.94 32.07 8.55
CM1 VNL R . 0.41 34.25 7.80
CM2 VNL R . 1.07 32.65 9.46
OM VNL R . 0.94 32.15 10.75
CZ VNL R . 0.30 33.74 9.08
CC VNL R . 2.98 31.98 6.26
CV VNL R . 1.89 31.26 11.25
O1 VNL R . 3.91 31.20 6.61
O2 VNL R . 2.86 32.32 5.05
O3 VNL R . -0.54 34.31 9.98
C1 VNL S . -3.68 5.47 -22.86
CO1 VNL S . -3.87 6.56 -22.03
CO2 VNL S . -4.09 4.21 -22.46
CM1 VNL S . -4.47 6.39 -20.79
CM2 VNL S . -4.68 4.03 -21.23
OM VNL S . -5.09 2.79 -20.82
CZ VNL S . -4.86 5.13 -20.40
CC VNL S . -3.05 5.66 -24.19
CV VNL S . -4.89 1.68 -21.64
O1 VNL S . -2.90 4.68 -24.97
O2 VNL S . -2.67 6.82 -24.53
O3 VNL S . -5.46 4.94 -19.19
C1 EDO T . 2.98 -16.20 -8.78
O1 EDO T . 3.64 -14.93 -8.89
C2 EDO T . 1.94 -16.37 -9.89
O2 EDO T . 1.57 -17.74 -10.01
C1 EDO U . 12.78 -39.76 -11.77
O1 EDO U . 12.19 -39.26 -12.98
C2 EDO U . 11.86 -40.81 -11.16
O2 EDO U . 12.53 -41.46 -10.07
C1 EDO V . -2.20 -18.15 -6.43
O1 EDO V . -3.16 -17.07 -6.48
C2 EDO V . -2.92 -19.45 -6.11
O2 EDO V . -2.01 -20.54 -6.20
C1 C8E W . 19.11 -17.48 7.97
C2 C8E W . 20.30 -17.55 8.90
C3 C8E W . 19.94 -18.22 10.23
C4 C8E W . 21.13 -18.94 10.84
C5 C8E W . 20.74 -20.34 11.31
C6 C8E W . 21.97 -21.18 11.59
C7 C8E W . 21.75 -22.07 12.82
C1 C8E X . -19.51 -21.27 -11.18
C2 C8E X . -18.01 -21.28 -11.45
C3 C8E X . -17.46 -19.85 -11.55
C4 C8E X . -16.75 -19.62 -12.88
C5 C8E X . -15.48 -18.82 -12.65
C2 C8E Y . -12.09 -26.58 26.76
C3 C8E Y . -11.24 -25.31 26.71
C4 C8E Y . -11.93 -24.25 25.86
C5 C8E Y . -11.33 -22.87 26.11
C6 C8E Y . -11.06 -22.16 24.79
C7 C8E Y . -11.44 -20.69 24.82
C8 C8E Y . -11.96 -20.30 23.44
O9 C8E Y . -12.54 -19.02 23.45
C10 C8E Y . -12.15 -18.28 22.31
C11 C8E Y . -13.25 -17.31 21.92
O12 C8E Y . -13.23 -16.21 22.79
C2 C8E Z . 14.17 -25.10 -11.69
C3 C8E Z . 13.30 -24.89 -10.45
C4 C8E Z . 13.17 -23.42 -10.10
C5 C8E Z . 13.74 -23.13 -8.73
C6 C8E Z . 13.91 -21.64 -8.50
C7 C8E Z . 15.38 -21.23 -8.47
O9 C8E AA . -25.21 -18.87 9.50
C10 C8E AA . -25.19 -20.20 9.07
C11 C8E AA . -25.70 -20.27 7.64
O12 C8E AA . -25.50 -21.56 7.09
C13 C8E AA . -26.72 -22.24 6.91
C14 C8E AA . -26.50 -23.50 6.09
O15 C8E AA . -26.29 -24.61 6.94
C16 C8E AA . -25.60 -25.65 6.27
C17 C8E AA . -26.50 -26.87 6.13
O18 C8E AA . -26.70 -27.43 7.41
C19 C8E AA . -27.93 -28.12 7.54
C20 C8E AA . -27.65 -29.52 8.05
C14 C8E BA . -2.36 -17.22 4.51
O15 C8E BA . -3.45 -17.29 5.40
C16 C8E BA . -3.68 -18.60 5.88
C17 C8E BA . -3.98 -19.54 4.73
O18 C8E BA . -4.70 -20.66 5.18
C19 C8E BA . -6.11 -20.45 5.16
C20 C8E BA . -6.78 -21.55 4.35
O21 C8E BA . -8.06 -21.11 3.92
C2 C8E CA . -10.13 -22.51 -19.13
C3 C8E CA . -9.18 -22.56 -17.93
C4 C8E CA . -9.49 -23.71 -16.97
C5 C8E CA . -10.65 -24.58 -17.45
C6 C8E CA . -11.67 -24.82 -16.35
C7 C8E CA . -11.29 -26.03 -15.51
C8 C8E CA . -12.47 -26.99 -15.38
O12 C8E DA . -15.35 -28.43 -15.16
C13 C8E DA . -16.10 -29.51 -15.65
C14 C8E DA . -15.16 -30.60 -16.14
O15 C8E DA . -15.22 -31.71 -15.27
C16 C8E DA . -13.98 -32.35 -15.12
C17 C8E DA . -13.86 -33.48 -16.13
O18 C8E DA . -12.53 -33.96 -16.17
C19 C8E DA . -12.40 -35.31 -15.79
C20 C8E DA . -12.11 -36.14 -17.04
O21 C8E DA . -10.83 -36.71 -16.94
C1 C8E EA . -10.86 -12.99 -21.86
C2 C8E EA . -12.26 -13.50 -21.59
C3 C8E EA . -12.27 -15.01 -21.39
C4 C8E EA . -13.41 -15.44 -20.47
C5 C8E EA . -13.87 -16.86 -20.79
C6 C8E EA . -13.79 -17.74 -19.54
C7 C8E EA . -14.78 -18.88 -19.60
C8 C8E EA . -15.04 -19.43 -18.20
O9 C8E EA . -15.18 -20.83 -18.21
C10 C8E EA . -13.99 -21.50 -17.86
C11 C8E EA . -14.36 -22.85 -17.24
C1 C8E FA . 21.05 -11.60 -1.29
C2 C8E FA . 21.16 -12.41 -2.58
C3 C8E FA . 19.93 -13.30 -2.76
C4 C8E FA . 19.74 -14.22 -1.56
C5 C8E FA . 19.09 -15.54 -1.98
C6 C8E FA . 17.84 -15.83 -1.15
C1 C8E GA . -27.67 -21.14 12.72
C2 C8E GA . -27.02 -21.85 13.90
C3 C8E GA . -25.89 -21.02 14.51
C4 C8E GA . -25.57 -21.49 15.92
C5 C8E GA . -25.16 -20.34 16.84
C6 C8E GA . -23.74 -20.51 17.37
C7 C8E GA . -23.73 -21.21 18.73
C8 C8E GA . -22.63 -20.65 19.63
O9 C8E GA . -22.85 -21.05 20.98
C10 C8E GA . -22.10 -22.18 21.34
C11 C8E GA . -22.69 -22.79 22.62
O12 C8E GA . -22.06 -24.01 22.90
C13 C8E GA . -22.16 -24.37 24.26
C14 C8E GA . -20.78 -24.48 24.89
C17 C8E HA . -2.08 -26.58 25.93
O18 C8E HA . -1.41 -27.79 25.69
C19 C8E HA . -2.31 -28.88 25.59
C20 C8E HA . -1.54 -30.11 25.11
O21 C8E HA . -2.41 -31.18 24.88
C1 C8E IA . 8.98 -26.14 -14.18
C2 C8E IA . 8.04 -27.26 -14.62
C3 C8E IA . 8.62 -28.63 -14.30
C4 C8E IA . 7.59 -29.72 -14.47
C1 C8E JA . 7.17 -11.64 -17.12
C2 C8E JA . 7.42 -13.06 -16.62
C3 C8E JA . 6.11 -13.80 -16.39
C4 C8E JA . 6.13 -15.14 -17.13
C5 C8E JA . 5.16 -16.13 -16.50
C6 C8E JA . 4.34 -16.85 -17.55
C7 C8E JA . 2.94 -16.27 -17.69
C1 C8E KA . 1.27 -11.84 -23.61
C2 C8E KA . 0.12 -12.77 -23.97
C3 C8E KA . -0.53 -13.36 -22.74
C4 C8E KA . -0.56 -14.89 -22.80
C5 C8E KA . -1.91 -15.43 -22.32
C1 VNL LA . -0.63 -15.18 15.50
CO1 VNL LA . -1.36 -14.05 15.18
CO2 VNL LA . -0.74 -15.72 16.77
CM1 VNL LA . -2.22 -13.45 16.11
CM2 VNL LA . -1.58 -15.14 17.71
OM VNL LA . -1.71 -15.69 18.98
CZ VNL LA . -2.31 -14.02 17.37
CC VNL LA . 0.28 -15.78 14.49
CV VNL LA . -0.80 -16.62 19.46
O1 VNL LA . 1.18 -16.62 14.83
O2 VNL LA . 0.17 -15.42 13.28
O3 VNL LA . -3.15 -13.45 18.31
C1 VNL MA . -7.75 -41.61 -14.88
CO1 VNL MA . -7.73 -40.56 -13.98
CO2 VNL MA . -8.25 -42.85 -14.50
CM1 VNL MA . -8.20 -40.73 -12.70
CM2 VNL MA . -8.71 -43.03 -13.21
OM VNL MA . -9.21 -44.24 -12.79
CZ VNL MA . -8.69 -41.97 -12.31
CC VNL MA . -7.27 -41.41 -16.27
CV VNL MA . -8.98 -45.39 -13.54
O1 VNL MA . -7.38 -42.35 -17.11
O2 VNL MA . -6.79 -40.29 -16.59
O3 VNL MA . -9.18 -42.17 -11.05
#